data_5IQF
#
_entry.id   5IQF
#
_cell.length_a   90.454
_cell.length_b   99.075
_cell.length_c   92.350
_cell.angle_alpha   90.00
_cell.angle_beta   105.18
_cell.angle_gamma   90.00
#
_symmetry.space_group_name_H-M   'P 1 21 1'
#
loop_
_entity.id
_entity.type
_entity.pdbx_description
1 polymer 'Bifunctional AAC/APH'
2 non-polymer "GUANOSINE-5'-DIPHOSPHATE"
3 non-polymer 'MAGNESIUM ION'
4 non-polymer 'CHLORIDE ION'
5 non-polymer GLYCEROL
6 water water
#
_entity_poly.entity_id   1
_entity_poly.type   'polypeptide(L)'
_entity_poly.pdbx_seq_one_letter_code
;MEYRYDDNATNVKAMKYLIEHYFDNFKVDSIEIIGSGYDSVAYLVNNEYIFKTKFSTNKKKGYAKEKAIYNFLNTNLETN
VKIPNIEYSYISDELSILGYKEIKGTFLTPEIYSTMSEEEQNLLKRDIASFLRQMHGLDYTDISECTIDNKQNVLEEYIL
LRETIYNDLTDIEKDYIESFMERLNATTVFEGKKCLCHNDFSCNHLLLDGNNRLTGIIDFGDSGIIDEYCDFIYLLEDSE
EEIGTNFGEDILRMYGNIDIEKAKEYQDIVEEYYPIETIVYGIKNIKQEFIENGRKEIYKRTYKD
;
_entity_poly.pdbx_strand_id   A,B,C,D
#
loop_
_chem_comp.id
_chem_comp.type
_chem_comp.name
_chem_comp.formula
CL non-polymer 'CHLORIDE ION' 'Cl -1'
GDP RNA linking GUANOSINE-5'-DIPHOSPHATE 'C10 H15 N5 O11 P2'
GOL non-polymer GLYCEROL 'C3 H8 O3'
MG non-polymer 'MAGNESIUM ION' 'Mg 2'
#
# COMPACT_ATOMS: atom_id res chain seq x y z
N ASN A 8 -6.56 19.70 19.76
CA ASN A 8 -6.26 18.38 19.14
C ASN A 8 -5.64 18.53 17.70
N ALA A 9 -4.34 18.79 17.77
CA ALA A 9 -3.41 19.24 16.71
C ALA A 9 -2.33 18.21 16.39
N THR A 10 -2.19 17.27 17.28
CA THR A 10 -1.31 16.12 17.05
C THR A 10 -1.73 15.35 15.80
N ASN A 11 -3.04 15.27 15.58
CA ASN A 11 -3.50 14.49 14.41
C ASN A 11 -3.33 15.25 13.08
N VAL A 12 -3.55 16.57 13.10
CA VAL A 12 -3.28 17.42 11.93
C VAL A 12 -1.78 17.36 11.51
N LYS A 13 -0.90 17.48 12.50
CA LYS A 13 0.55 17.42 12.26
C LYS A 13 0.96 16.07 11.79
N ALA A 14 0.39 15.05 12.41
CA ALA A 14 0.62 13.66 11.99
C ALA A 14 0.17 13.44 10.56
N MET A 15 -0.98 14.00 10.22
CA MET A 15 -1.54 13.81 8.88
C MET A 15 -0.67 14.55 7.86
N LYS A 16 -0.21 15.74 8.24
CA LYS A 16 0.72 16.48 7.37
C LYS A 16 1.95 15.64 7.06
N TYR A 17 2.54 15.06 8.11
CA TYR A 17 3.72 14.23 7.93
C TYR A 17 3.43 13.06 7.01
N LEU A 18 2.33 12.39 7.25
CA LEU A 18 1.97 11.16 6.47
C LEU A 18 1.72 11.47 5.00
N ILE A 19 1.03 12.56 4.75
CA ILE A 19 0.76 13.01 3.38
C ILE A 19 2.08 13.25 2.65
N GLU A 20 2.97 14.01 3.27
CA GLU A 20 4.25 14.31 2.65
C GLU A 20 5.15 13.10 2.56
N HIS A 21 4.97 12.14 3.45
CA HIS A 21 5.81 10.94 3.46
C HIS A 21 5.37 9.96 2.37
N TYR A 22 4.06 9.69 2.34
CA TYR A 22 3.51 8.68 1.41
C TYR A 22 3.33 9.18 -0.01
N PHE A 23 3.21 10.49 -0.18
CA PHE A 23 3.08 11.11 -1.50
C PHE A 23 4.29 12.03 -1.73
N ASP A 24 5.39 11.44 -2.22
CA ASP A 24 6.68 12.16 -2.58
C ASP A 24 6.33 13.42 -3.42
N ASN A 25 6.87 14.57 -3.01
CA ASN A 25 6.67 15.84 -3.76
C ASN A 25 5.32 16.56 -3.53
N PHE A 26 4.47 16.01 -2.69
CA PHE A 26 3.30 16.75 -2.25
C PHE A 26 3.74 17.64 -1.11
N LYS A 27 3.51 18.93 -1.24
CA LYS A 27 3.80 19.85 -0.15
C LYS A 27 2.52 20.35 0.48
N VAL A 28 2.47 20.25 1.79
CA VAL A 28 1.32 20.73 2.54
C VAL A 28 1.60 22.14 3.07
N ASP A 29 0.97 23.13 2.46
CA ASP A 29 1.05 24.49 2.97
C ASP A 29 0.05 24.75 4.09
N SER A 30 -1.13 24.14 4.00
CA SER A 30 -2.17 24.31 5.02
C SER A 30 -2.97 23.03 5.18
N ILE A 31 -3.50 22.83 6.37
CA ILE A 31 -4.26 21.61 6.65
C ILE A 31 -5.16 21.81 7.84
N GLU A 32 -6.44 21.52 7.62
CA GLU A 32 -7.44 21.59 8.67
C GLU A 32 -8.46 20.46 8.49
N ILE A 33 -9.04 20.06 9.60
CA ILE A 33 -10.11 19.09 9.61
C ILE A 33 -11.37 19.80 9.19
N ILE A 34 -12.04 19.29 8.17
CA ILE A 34 -13.31 19.87 7.71
C ILE A 34 -14.53 18.97 7.90
N GLY A 35 -14.28 17.72 8.26
CA GLY A 35 -15.36 16.80 8.61
C GLY A 35 -14.88 15.41 8.96
N SER A 36 -15.80 14.57 9.38
CA SER A 36 -15.45 13.20 9.78
C SER A 36 -16.66 12.30 9.75
N GLY A 37 -16.42 11.01 9.62
CA GLY A 37 -17.49 10.00 9.73
C GLY A 37 -17.30 9.17 10.98
N TYR A 38 -17.99 8.04 11.06
CA TYR A 38 -17.92 7.22 12.27
C TYR A 38 -16.44 6.79 12.55
N ASP A 39 -15.71 6.48 11.50
CA ASP A 39 -14.34 5.93 11.60
C ASP A 39 -13.27 6.63 10.72
N SER A 40 -13.64 7.77 10.16
CA SER A 40 -12.79 8.51 9.23
C SER A 40 -12.66 9.97 9.61
N VAL A 41 -11.55 10.61 9.27
CA VAL A 41 -11.48 12.07 9.35
C VAL A 41 -11.05 12.63 8.00
N ALA A 42 -11.70 13.73 7.61
CA ALA A 42 -11.44 14.41 6.33
C ALA A 42 -10.75 15.75 6.55
N TYR A 43 -9.62 15.88 5.88
CA TYR A 43 -8.73 17.02 6.01
C TYR A 43 -8.75 17.84 4.73
N LEU A 44 -8.93 19.16 4.87
CA LEU A 44 -8.81 20.10 3.75
C LEU A 44 -7.37 20.57 3.70
N VAL A 45 -6.73 20.32 2.58
CA VAL A 45 -5.29 20.55 2.43
C VAL A 45 -5.05 21.57 1.32
N ASN A 46 -4.25 22.60 1.63
CA ASN A 46 -3.97 23.69 0.69
C ASN A 46 -5.24 24.34 0.12
N ASN A 47 -6.32 24.25 0.86
CA ASN A 47 -7.61 24.80 0.45
C ASN A 47 -8.14 24.26 -0.89
N GLU A 48 -7.68 23.07 -1.25
CA GLU A 48 -7.85 22.53 -2.60
C GLU A 48 -8.17 21.00 -2.60
N TYR A 49 -7.48 20.26 -1.73
CA TYR A 49 -7.63 18.81 -1.68
C TYR A 49 -8.31 18.36 -0.41
N ILE A 50 -9.18 17.36 -0.57
CA ILE A 50 -9.67 16.58 0.55
C ILE A 50 -8.81 15.35 0.68
N PHE A 51 -8.38 15.11 1.91
CA PHE A 51 -7.66 13.88 2.22
C PHE A 51 -8.47 13.23 3.32
N LYS A 52 -9.00 12.07 2.97
CA LYS A 52 -9.93 11.31 3.76
C LYS A 52 -9.13 10.17 4.34
N THR A 53 -9.18 9.97 5.65
CA THR A 53 -8.31 9.00 6.24
C THR A 53 -8.99 8.15 7.29
N LYS A 54 -8.49 6.95 7.45
CA LYS A 54 -8.99 5.99 8.41
C LYS A 54 -7.76 5.25 8.97
N PHE A 55 -7.71 4.94 10.27
CA PHE A 55 -6.64 4.03 10.77
C PHE A 55 -7.07 2.53 10.71
N SER A 56 -6.79 1.68 11.68
CA SER A 56 -7.13 0.24 11.51
C SER A 56 -8.61 0.03 11.81
N THR A 57 -9.35 -0.60 10.88
CA THR A 57 -10.78 -0.87 11.06
C THR A 57 -11.17 -2.28 10.55
N ASN A 58 -12.46 -2.58 10.63
CA ASN A 58 -13.02 -3.87 10.12
C ASN A 58 -12.97 -4.04 8.59
N LYS A 59 -13.17 -2.93 7.86
CA LYS A 59 -13.03 -2.86 6.39
C LYS A 59 -11.57 -2.56 6.01
N LYS A 60 -10.74 -3.60 6.16
CA LYS A 60 -9.32 -3.53 5.86
C LYS A 60 -9.03 -3.35 4.36
N LYS A 61 -10.03 -3.64 3.51
CA LYS A 61 -9.95 -3.27 2.08
C LYS A 61 -11.03 -2.24 1.66
N GLY A 62 -11.41 -1.37 2.60
CA GLY A 62 -12.58 -0.50 2.43
C GLY A 62 -12.37 0.66 1.48
N TYR A 63 -11.25 1.35 1.68
CA TYR A 63 -10.85 2.42 0.74
C TYR A 63 -10.40 1.89 -0.61
N ALA A 64 -9.94 0.66 -0.64
CA ALA A 64 -9.71 -0.04 -1.92
C ALA A 64 -11.01 -0.08 -2.73
N LYS A 65 -12.08 -0.59 -2.12
CA LYS A 65 -13.38 -0.63 -2.79
C LYS A 65 -13.91 0.74 -3.15
N GLU A 66 -13.77 1.69 -2.24
CA GLU A 66 -14.30 3.03 -2.46
C GLU A 66 -13.62 3.63 -3.67
N LYS A 67 -12.31 3.43 -3.75
CA LYS A 67 -11.51 3.93 -4.86
C LYS A 67 -11.85 3.23 -6.19
N ALA A 68 -12.01 1.92 -6.15
CA ALA A 68 -12.48 1.19 -7.32
C ALA A 68 -13.83 1.75 -7.80
N ILE A 69 -14.68 2.14 -6.86
CA ILE A 69 -15.99 2.70 -7.21
C ILE A 69 -15.87 4.08 -7.85
N TYR A 70 -15.05 4.96 -7.26
CA TYR A 70 -14.84 6.28 -7.89
C TYR A 70 -14.25 6.08 -9.28
N ASN A 71 -13.34 5.14 -9.45
CA ASN A 71 -12.72 4.91 -10.75
C ASN A 71 -13.77 4.46 -11.78
N PHE A 72 -14.60 3.51 -11.39
CA PHE A 72 -15.69 2.98 -12.24
C PHE A 72 -16.66 4.10 -12.63
N LEU A 73 -16.98 4.95 -11.69
CA LEU A 73 -17.99 5.98 -11.95
C LEU A 73 -17.42 7.12 -12.79
N ASN A 74 -16.20 7.53 -12.52
CA ASN A 74 -15.60 8.61 -13.31
C ASN A 74 -15.37 8.15 -14.78
N THR A 75 -15.16 6.86 -14.95
CA THR A 75 -15.03 6.24 -16.27
C THR A 75 -16.37 6.14 -16.97
N ASN A 76 -17.41 5.72 -16.28
CA ASN A 76 -18.65 5.33 -16.96
C ASN A 76 -19.85 6.24 -16.82
N LEU A 77 -19.83 7.16 -15.87
CA LEU A 77 -20.94 8.12 -15.70
C LEU A 77 -20.78 9.26 -16.68
N GLU A 78 -21.91 9.74 -17.17
CA GLU A 78 -21.90 10.97 -17.96
C GLU A 78 -22.83 11.93 -17.26
N THR A 79 -22.26 12.87 -16.52
CA THR A 79 -23.05 13.78 -15.75
C THR A 79 -22.26 15.05 -15.53
N ASN A 80 -22.94 16.17 -15.38
CA ASN A 80 -22.32 17.37 -14.84
C ASN A 80 -22.05 17.29 -13.31
N VAL A 81 -22.74 16.40 -12.62
CA VAL A 81 -22.61 16.32 -11.15
C VAL A 81 -21.24 15.81 -10.82
N LYS A 82 -20.55 16.50 -9.94
CA LYS A 82 -19.19 16.07 -9.56
C LYS A 82 -19.20 15.01 -8.50
N ILE A 83 -18.24 14.10 -8.60
CA ILE A 83 -17.95 13.15 -7.55
C ILE A 83 -16.41 13.10 -7.32
N PRO A 84 -15.98 12.50 -6.22
CA PRO A 84 -14.57 12.44 -5.97
C PRO A 84 -13.87 11.73 -7.10
N ASN A 85 -12.78 12.37 -7.56
CA ASN A 85 -11.88 11.74 -8.49
C ASN A 85 -10.53 11.57 -7.81
N ILE A 86 -10.17 10.31 -7.58
CA ILE A 86 -8.99 9.97 -6.75
C ILE A 86 -7.63 10.23 -7.45
N GLU A 87 -6.84 11.12 -6.87
CA GLU A 87 -5.50 11.40 -7.36
C GLU A 87 -4.42 10.80 -6.49
N TYR A 88 -4.71 10.63 -5.21
CA TYR A 88 -3.75 10.09 -4.26
C TYR A 88 -4.37 8.99 -3.44
N SER A 89 -3.68 7.87 -3.29
CA SER A 89 -4.16 6.85 -2.41
C SER A 89 -3.02 6.12 -1.75
N TYR A 90 -3.22 5.81 -0.47
CA TYR A 90 -2.38 4.85 0.24
C TYR A 90 -3.31 3.94 1.04
N ILE A 91 -3.13 2.64 0.90
CA ILE A 91 -4.05 1.68 1.44
C ILE A 91 -3.30 0.56 2.15
N SER A 92 -3.59 0.36 3.42
CA SER A 92 -2.99 -0.72 4.22
C SER A 92 -3.93 -1.10 5.33
N ASP A 93 -3.62 -2.19 6.00
CA ASP A 93 -4.43 -2.62 7.14
C ASP A 93 -4.55 -1.54 8.20
N GLU A 94 -3.45 -0.86 8.44
CA GLU A 94 -3.35 0.07 9.55
C GLU A 94 -3.71 1.50 9.20
N LEU A 95 -3.70 1.82 7.93
CA LEU A 95 -3.93 3.21 7.53
C LEU A 95 -4.31 3.33 6.10
N SER A 96 -5.39 4.05 5.83
CA SER A 96 -5.77 4.31 4.47
C SER A 96 -6.08 5.78 4.24
N ILE A 97 -5.67 6.25 3.07
CA ILE A 97 -5.84 7.64 2.70
C ILE A 97 -6.27 7.76 1.25
N LEU A 98 -7.30 8.57 1.02
CA LEU A 98 -7.77 8.92 -0.33
C LEU A 98 -7.71 10.39 -0.43
N GLY A 99 -7.10 10.86 -1.50
CA GLY A 99 -6.96 12.26 -1.77
C GLY A 99 -7.57 12.62 -3.11
N TYR A 100 -8.39 13.65 -3.09
CA TYR A 100 -9.06 14.12 -4.29
C TYR A 100 -9.32 15.59 -4.11
N LYS A 101 -9.57 16.27 -5.22
CA LYS A 101 -9.87 17.68 -5.17
C LYS A 101 -11.20 17.91 -4.53
N GLU A 102 -11.23 18.89 -3.65
CA GLU A 102 -12.44 19.21 -2.87
C GLU A 102 -13.57 19.48 -3.84
N ILE A 103 -14.71 18.88 -3.58
CA ILE A 103 -15.94 19.29 -4.26
C ILE A 103 -16.54 20.45 -3.47
N LYS A 104 -16.72 21.56 -4.14
CA LYS A 104 -17.13 22.78 -3.50
C LYS A 104 -18.62 23.00 -3.61
N GLY A 105 -19.17 23.71 -2.65
CA GLY A 105 -20.56 23.99 -2.64
C GLY A 105 -21.08 23.98 -1.23
N THR A 106 -22.41 23.97 -1.14
CA THR A 106 -23.12 24.03 0.12
C THR A 106 -23.94 22.78 0.29
N PHE A 107 -23.84 22.18 1.47
CA PHE A 107 -24.54 20.95 1.79
C PHE A 107 -26.02 21.27 1.96
N LEU A 108 -26.83 20.48 1.27
CA LEU A 108 -28.29 20.55 1.40
C LEU A 108 -28.74 20.26 2.85
N THR A 109 -29.61 21.11 3.36
CA THR A 109 -30.26 20.95 4.65
C THR A 109 -31.74 21.27 4.51
N PRO A 110 -32.56 20.83 5.48
CA PRO A 110 -33.97 21.22 5.48
C PRO A 110 -34.21 22.72 5.52
N GLU A 111 -33.34 23.44 6.23
CA GLU A 111 -33.47 24.91 6.27
C GLU A 111 -33.33 25.50 4.90
N ILE A 112 -32.26 25.13 4.22
CA ILE A 112 -32.00 25.69 2.92
C ILE A 112 -33.14 25.33 1.97
N TYR A 113 -33.57 24.08 2.03
CA TYR A 113 -34.65 23.62 1.14
C TYR A 113 -35.89 24.48 1.30
N SER A 114 -36.19 24.82 2.54
CA SER A 114 -37.41 25.57 2.83
C SER A 114 -37.33 27.03 2.35
N THR A 115 -36.12 27.53 2.10
CA THR A 115 -35.98 28.85 1.52
C THR A 115 -35.96 28.81 -0.01
N MET A 116 -35.99 27.62 -0.60
CA MET A 116 -35.99 27.53 -2.05
C MET A 116 -37.40 27.77 -2.61
N SER A 117 -37.49 28.36 -3.79
CA SER A 117 -38.78 28.45 -4.50
C SER A 117 -39.24 27.08 -4.95
N GLU A 118 -40.51 26.98 -5.30
CA GLU A 118 -41.09 25.71 -5.72
C GLU A 118 -40.36 25.15 -6.94
N GLU A 119 -40.09 26.03 -7.87
CA GLU A 119 -39.28 25.67 -9.04
C GLU A 119 -37.88 25.20 -8.68
N GLU A 120 -37.20 25.91 -7.79
CA GLU A 120 -35.88 25.47 -7.35
C GLU A 120 -35.92 24.05 -6.75
N GLN A 121 -36.93 23.82 -5.94
CA GLN A 121 -37.15 22.54 -5.34
C GLN A 121 -37.37 21.48 -6.38
N ASN A 122 -38.23 21.74 -7.34
CA ASN A 122 -38.47 20.74 -8.41
C ASN A 122 -37.21 20.44 -9.17
N LEU A 123 -36.43 21.45 -9.47
CA LEU A 123 -35.24 21.23 -10.28
C LEU A 123 -34.23 20.34 -9.51
N LEU A 124 -34.16 20.57 -8.21
CA LEU A 124 -33.26 19.81 -7.37
C LEU A 124 -33.73 18.39 -7.36
N LYS A 125 -35.03 18.19 -7.20
CA LYS A 125 -35.58 16.86 -7.18
C LYS A 125 -35.26 16.16 -8.50
N ARG A 126 -35.45 16.88 -9.61
CA ARG A 126 -35.10 16.35 -10.93
C ARG A 126 -33.64 16.00 -11.04
N ASP A 127 -32.78 16.89 -10.56
CA ASP A 127 -31.34 16.63 -10.60
C ASP A 127 -31.01 15.32 -9.87
N ILE A 128 -31.67 15.12 -8.74
CA ILE A 128 -31.40 13.94 -7.93
C ILE A 128 -31.93 12.70 -8.65
N ALA A 129 -33.16 12.78 -9.13
CA ALA A 129 -33.77 11.62 -9.80
C ALA A 129 -32.91 11.19 -11.00
N SER A 130 -32.45 12.18 -11.70
CA SER A 130 -31.71 11.98 -12.90
C SER A 130 -30.34 11.35 -12.61
N PHE A 131 -29.64 11.88 -11.63
CA PHE A 131 -28.42 11.23 -11.19
C PHE A 131 -28.60 9.76 -10.82
N LEU A 132 -29.53 9.50 -9.95
CA LEU A 132 -29.79 8.11 -9.52
C LEU A 132 -30.18 7.19 -10.66
N ARG A 133 -30.99 7.72 -11.55
CA ARG A 133 -31.40 6.96 -12.71
C ARG A 133 -30.15 6.54 -13.50
N GLN A 134 -29.26 7.49 -13.70
CA GLN A 134 -28.09 7.23 -14.46
C GLN A 134 -27.18 6.20 -13.78
N MET A 135 -26.96 6.34 -12.48
CA MET A 135 -26.11 5.43 -11.78
C MET A 135 -26.69 4.02 -11.74
N HIS A 136 -27.97 3.94 -11.41
CA HIS A 136 -28.62 2.64 -11.28
C HIS A 136 -28.70 1.90 -12.62
N GLY A 137 -28.66 2.67 -13.70
CA GLY A 137 -28.76 2.12 -15.04
C GLY A 137 -27.44 1.60 -15.59
N LEU A 138 -26.32 1.87 -14.91
CA LEU A 138 -25.01 1.42 -15.38
C LEU A 138 -24.91 -0.10 -15.31
N ASP A 139 -24.36 -0.69 -16.36
CA ASP A 139 -24.10 -2.14 -16.38
C ASP A 139 -22.94 -2.32 -15.44
N TYR A 140 -23.14 -3.13 -14.43
CA TYR A 140 -22.14 -3.24 -13.36
C TYR A 140 -21.33 -4.54 -13.46
N THR A 141 -21.45 -5.22 -14.59
CA THR A 141 -20.80 -6.50 -14.77
C THR A 141 -19.29 -6.39 -14.45
N ASP A 142 -18.69 -5.24 -14.74
CA ASP A 142 -17.28 -5.01 -14.50
C ASP A 142 -16.81 -5.00 -13.03
N ILE A 143 -17.73 -4.72 -12.12
CA ILE A 143 -17.46 -4.69 -10.69
C ILE A 143 -18.38 -5.65 -9.98
N SER A 144 -18.70 -6.73 -10.68
CA SER A 144 -19.72 -7.68 -10.23
C SER A 144 -19.45 -8.26 -8.85
N GLU A 145 -18.21 -8.12 -8.37
CA GLU A 145 -17.83 -8.66 -7.04
C GLU A 145 -18.23 -7.75 -5.89
N CYS A 146 -18.54 -6.48 -6.19
CA CYS A 146 -18.92 -5.50 -5.15
C CYS A 146 -20.40 -5.60 -4.80
N THR A 147 -20.86 -6.81 -4.57
CA THR A 147 -22.24 -7.08 -4.23
C THR A 147 -22.42 -6.92 -2.76
N ILE A 148 -23.60 -6.49 -2.36
CA ILE A 148 -23.93 -6.36 -0.98
C ILE A 148 -25.31 -7.02 -0.83
N ASP A 149 -25.39 -8.00 0.05
CA ASP A 149 -26.63 -8.74 0.31
C ASP A 149 -27.02 -8.36 1.72
N ASN A 150 -27.93 -7.39 1.85
CA ASN A 150 -28.30 -6.88 3.16
C ASN A 150 -28.96 -7.96 4.00
N LYS A 151 -29.74 -8.83 3.38
CA LYS A 151 -30.44 -9.87 4.14
C LYS A 151 -29.43 -10.82 4.74
N GLN A 152 -28.51 -11.29 3.93
CA GLN A 152 -27.45 -12.19 4.37
C GLN A 152 -26.58 -11.52 5.44
N ASN A 153 -26.28 -10.25 5.26
CA ASN A 153 -25.49 -9.51 6.24
C ASN A 153 -26.14 -9.43 7.60
N VAL A 154 -27.42 -9.14 7.61
CA VAL A 154 -28.20 -9.17 8.86
C VAL A 154 -28.16 -10.56 9.47
N LEU A 155 -28.33 -11.59 8.66
CA LEU A 155 -28.23 -12.94 9.19
C LEU A 155 -26.89 -13.15 9.87
N GLU A 156 -25.80 -12.73 9.24
CA GLU A 156 -24.49 -12.93 9.82
C GLU A 156 -24.32 -12.12 11.11
N GLU A 157 -24.88 -10.92 11.13
CA GLU A 157 -24.79 -10.04 12.27
C GLU A 157 -25.59 -10.60 13.45
N TYR A 158 -26.74 -11.15 13.13
CA TYR A 158 -27.56 -11.90 14.08
C TYR A 158 -26.75 -13.05 14.68
N ILE A 159 -26.12 -13.84 13.84
CA ILE A 159 -25.28 -14.92 14.38
C ILE A 159 -24.19 -14.38 15.30
N LEU A 160 -23.56 -13.27 14.89
CA LEU A 160 -22.58 -12.62 15.76
C LEU A 160 -23.17 -12.29 17.15
N LEU A 161 -24.38 -11.72 17.15
CA LEU A 161 -25.12 -11.47 18.41
C LEU A 161 -25.31 -12.72 19.23
N ARG A 162 -25.79 -13.77 18.59
CA ARG A 162 -26.01 -15.06 19.27
C ARG A 162 -24.71 -15.58 19.89
N GLU A 163 -23.62 -15.29 19.23
CA GLU A 163 -22.34 -15.79 19.66
C GLU A 163 -21.69 -14.92 20.72
N THR A 164 -22.19 -13.71 20.91
CA THR A 164 -21.58 -12.80 21.86
C THR A 164 -22.49 -12.45 23.01
N ILE A 165 -23.30 -11.42 22.83
CA ILE A 165 -24.10 -10.92 23.95
C ILE A 165 -25.56 -11.31 24.06
N TYR A 166 -26.11 -11.95 23.03
CA TYR A 166 -27.53 -12.28 23.03
C TYR A 166 -28.03 -12.79 24.38
N ASN A 167 -27.31 -13.72 24.98
CA ASN A 167 -27.79 -14.37 26.21
C ASN A 167 -27.84 -13.45 27.42
N ASP A 168 -27.08 -12.37 27.37
CA ASP A 168 -27.12 -11.34 28.42
C ASP A 168 -28.21 -10.30 28.18
N LEU A 169 -28.96 -10.42 27.11
CA LEU A 169 -29.99 -9.42 26.81
C LEU A 169 -31.26 -9.67 27.56
N THR A 170 -32.05 -8.63 27.76
CA THR A 170 -33.36 -8.77 28.37
C THR A 170 -34.36 -9.37 27.37
N ASP A 171 -35.48 -9.85 27.89
CA ASP A 171 -36.54 -10.41 27.06
C ASP A 171 -37.06 -9.37 26.08
N ILE A 172 -37.26 -8.16 26.55
CA ILE A 172 -37.71 -7.08 25.68
C ILE A 172 -36.72 -6.87 24.52
N GLU A 173 -35.43 -6.92 24.82
CA GLU A 173 -34.39 -6.67 23.81
C GLU A 173 -34.40 -7.83 22.82
N LYS A 174 -34.41 -9.04 23.37
CA LYS A 174 -34.52 -10.23 22.56
C LYS A 174 -35.75 -10.21 21.68
N ASP A 175 -36.90 -9.88 22.24
CA ASP A 175 -38.11 -9.87 21.45
C ASP A 175 -38.04 -8.84 20.32
N TYR A 176 -37.45 -7.69 20.56
CA TYR A 176 -37.30 -6.68 19.53
C TYR A 176 -36.49 -7.25 18.36
N ILE A 177 -35.43 -7.96 18.71
CA ILE A 177 -34.54 -8.57 17.71
C ILE A 177 -35.21 -9.69 16.93
N GLU A 178 -35.86 -10.60 17.64
CA GLU A 178 -36.51 -11.76 16.99
C GLU A 178 -37.65 -11.27 16.10
N SER A 179 -38.32 -10.24 16.56
CA SER A 179 -39.46 -9.68 15.85
C SER A 179 -38.98 -9.05 14.53
N PHE A 180 -37.84 -8.37 14.60
CA PHE A 180 -37.15 -7.92 13.40
C PHE A 180 -36.78 -9.09 12.51
N MET A 181 -36.15 -10.09 13.07
CA MET A 181 -35.75 -11.25 12.25
C MET A 181 -36.93 -11.87 11.54
N GLU A 182 -38.07 -11.93 12.22
CA GLU A 182 -39.27 -12.56 11.65
C GLU A 182 -39.75 -11.74 10.47
N ARG A 183 -39.71 -10.42 10.64
CA ARG A 183 -40.16 -9.51 9.59
C ARG A 183 -39.23 -9.59 8.37
N LEU A 184 -37.94 -9.67 8.65
CA LEU A 184 -36.93 -9.84 7.62
C LEU A 184 -37.14 -11.13 6.84
N ASN A 185 -37.55 -12.18 7.51
CA ASN A 185 -37.82 -13.42 6.82
C ASN A 185 -39.09 -13.37 5.93
N ALA A 186 -40.04 -12.54 6.31
CA ALA A 186 -41.32 -12.42 5.61
C ALA A 186 -41.30 -11.40 4.48
N THR A 187 -40.45 -10.37 4.56
CA THR A 187 -40.52 -9.35 3.58
C THR A 187 -40.11 -9.89 2.20
N THR A 188 -40.65 -9.29 1.16
CA THR A 188 -40.16 -9.54 -0.20
C THR A 188 -39.31 -8.37 -0.77
N VAL A 189 -38.96 -7.37 0.03
CA VAL A 189 -38.34 -6.15 -0.53
C VAL A 189 -36.92 -6.35 -1.05
N PHE A 190 -36.36 -7.52 -0.80
CA PHE A 190 -35.02 -7.86 -1.37
C PHE A 190 -35.04 -8.59 -2.68
N GLU A 191 -36.21 -8.79 -3.20
CA GLU A 191 -36.33 -9.67 -4.34
C GLU A 191 -36.56 -8.87 -5.62
N GLY A 192 -36.16 -7.60 -5.59
CA GLY A 192 -36.38 -6.68 -6.71
C GLY A 192 -35.11 -6.41 -7.46
N LYS A 193 -35.12 -5.34 -8.23
CA LYS A 193 -33.98 -4.97 -9.05
C LYS A 193 -32.76 -4.71 -8.17
N LYS A 194 -31.63 -5.28 -8.58
CA LYS A 194 -30.31 -4.99 -7.98
C LYS A 194 -29.51 -4.08 -8.88
N CYS A 195 -28.76 -3.15 -8.33
CA CYS A 195 -27.95 -2.28 -9.16
C CYS A 195 -26.93 -1.56 -8.32
N LEU A 196 -26.06 -0.80 -8.96
CA LEU A 196 -25.03 -0.04 -8.25
C LEU A 196 -25.69 1.16 -7.58
N CYS A 197 -25.59 1.21 -6.26
CA CYS A 197 -26.19 2.29 -5.48
C CYS A 197 -25.10 3.02 -4.66
N HIS A 198 -25.36 4.28 -4.39
CA HIS A 198 -24.53 5.08 -3.52
C HIS A 198 -24.53 4.46 -2.12
N ASN A 199 -25.74 4.11 -1.68
CA ASN A 199 -25.99 3.35 -0.43
C ASN A 199 -25.67 4.09 0.84
N ASP A 200 -25.60 5.41 0.78
CA ASP A 200 -25.59 6.27 1.99
C ASP A 200 -26.10 7.66 1.60
N PHE A 201 -27.23 7.67 0.91
CA PHE A 201 -27.64 8.81 0.08
C PHE A 201 -28.50 9.81 0.85
N SER A 202 -27.84 10.53 1.76
CA SER A 202 -28.53 11.47 2.59
C SER A 202 -28.16 12.87 2.22
N CYS A 203 -28.91 13.82 2.74
CA CYS A 203 -28.72 15.17 2.26
C CYS A 203 -27.36 15.77 2.73
N ASN A 204 -26.72 15.17 3.73
CA ASN A 204 -25.40 15.66 4.12
C ASN A 204 -24.27 15.18 3.19
N HIS A 205 -24.60 14.43 2.16
CA HIS A 205 -23.65 14.14 1.11
C HIS A 205 -23.96 14.85 -0.20
N LEU A 206 -24.96 15.72 -0.20
CA LEU A 206 -25.40 16.44 -1.40
C LEU A 206 -25.02 17.90 -1.38
N LEU A 207 -24.27 18.31 -2.39
CA LEU A 207 -23.76 19.68 -2.50
C LEU A 207 -24.51 20.49 -3.54
N LEU A 208 -24.85 21.70 -3.16
CA LEU A 208 -25.54 22.69 -4.01
C LEU A 208 -24.56 23.76 -4.49
N ASP A 209 -24.74 24.19 -5.72
CA ASP A 209 -24.03 25.34 -6.21
C ASP A 209 -24.81 26.59 -5.81
N GLY A 210 -24.32 27.75 -6.24
CA GLY A 210 -24.96 29.06 -5.94
C GLY A 210 -26.36 29.30 -6.50
N ASN A 211 -26.81 28.43 -7.37
CA ASN A 211 -28.19 28.45 -7.85
C ASN A 211 -29.10 27.44 -7.23
N ASN A 212 -28.63 26.80 -6.17
CA ASN A 212 -29.37 25.77 -5.47
C ASN A 212 -29.61 24.55 -6.31
N ARG A 213 -28.73 24.32 -7.26
CA ARG A 213 -28.80 23.12 -8.08
C ARG A 213 -27.76 22.14 -7.54
N LEU A 214 -28.04 20.88 -7.72
CA LEU A 214 -27.16 19.83 -7.31
C LEU A 214 -25.87 19.91 -8.10
N THR A 215 -24.75 20.12 -7.41
CA THR A 215 -23.47 20.21 -8.06
C THR A 215 -22.48 19.09 -7.74
N GLY A 216 -22.70 18.41 -6.62
CA GLY A 216 -21.76 17.36 -6.19
C GLY A 216 -22.38 16.38 -5.23
N ILE A 217 -21.77 15.20 -5.22
CA ILE A 217 -22.12 14.12 -4.36
C ILE A 217 -20.86 13.45 -3.85
N ILE A 218 -20.78 13.29 -2.53
CA ILE A 218 -19.61 12.68 -1.89
C ILE A 218 -19.93 11.37 -1.19
N ASP A 219 -18.88 10.75 -0.67
CA ASP A 219 -18.96 9.56 0.19
C ASP A 219 -19.68 8.38 -0.48
N PHE A 220 -19.02 7.79 -1.45
CA PHE A 220 -19.48 6.50 -2.02
C PHE A 220 -18.80 5.34 -1.30
N GLY A 221 -18.37 5.61 -0.06
CA GLY A 221 -17.72 4.59 0.75
C GLY A 221 -18.52 3.32 0.99
N ASP A 222 -19.86 3.37 0.93
CA ASP A 222 -20.68 2.18 1.17
C ASP A 222 -21.34 1.65 -0.07
N SER A 223 -20.90 2.17 -1.22
CA SER A 223 -21.55 1.80 -2.48
C SER A 223 -21.29 0.39 -2.92
N GLY A 224 -22.23 -0.13 -3.70
CA GLY A 224 -22.11 -1.48 -4.22
C GLY A 224 -23.36 -1.90 -4.94
N ILE A 225 -23.40 -3.17 -5.31
CA ILE A 225 -24.50 -3.70 -6.05
C ILE A 225 -25.48 -4.22 -5.03
N ILE A 226 -26.64 -3.60 -5.00
CA ILE A 226 -27.55 -3.78 -3.89
C ILE A 226 -28.95 -3.46 -4.37
N ASP A 227 -29.96 -3.62 -3.51
CA ASP A 227 -31.34 -3.29 -3.91
C ASP A 227 -31.45 -1.84 -4.33
N GLU A 228 -32.12 -1.66 -5.46
CA GLU A 228 -32.43 -0.33 -6.01
C GLU A 228 -33.07 0.59 -4.94
N TYR A 229 -33.91 0.02 -4.10
CA TYR A 229 -34.58 0.75 -3.02
C TYR A 229 -33.62 1.52 -2.08
N CYS A 230 -32.38 1.04 -1.97
CA CYS A 230 -31.41 1.55 -0.98
C CYS A 230 -31.19 3.01 -1.07
N ASP A 231 -31.14 3.52 -2.29
CA ASP A 231 -30.80 4.94 -2.44
C ASP A 231 -31.93 5.91 -2.12
N PHE A 232 -33.08 5.40 -1.69
CA PHE A 232 -34.22 6.24 -1.36
C PHE A 232 -34.53 6.29 0.11
N ILE A 233 -33.74 5.57 0.87
CA ILE A 233 -34.03 5.35 2.28
C ILE A 233 -34.03 6.64 3.07
N TYR A 234 -33.05 7.51 2.83
CA TYR A 234 -32.94 8.78 3.55
C TYR A 234 -33.81 9.85 2.92
N LEU A 235 -34.01 9.80 1.61
CA LEU A 235 -34.91 10.71 0.91
C LEU A 235 -36.32 10.56 1.42
N LEU A 236 -36.65 9.34 1.82
CA LEU A 236 -37.99 9.04 2.36
C LEU A 236 -38.11 9.30 3.83
N GLU A 237 -37.00 9.59 4.48
CA GLU A 237 -36.98 9.69 5.93
C GLU A 237 -37.66 10.96 6.42
N ASP A 238 -38.48 10.78 7.43
CA ASP A 238 -39.14 11.88 8.13
C ASP A 238 -38.41 12.17 9.46
N SER A 239 -37.47 13.10 9.41
CA SER A 239 -36.60 13.41 10.54
C SER A 239 -36.12 14.85 10.44
N GLU A 240 -35.50 15.33 11.50
CA GLU A 240 -34.93 16.67 11.52
C GLU A 240 -33.75 16.87 10.56
N GLU A 241 -33.04 15.80 10.25
CA GLU A 241 -31.80 15.87 9.44
C GLU A 241 -32.10 15.84 7.95
N GLU A 242 -33.16 15.12 7.62
CA GLU A 242 -33.57 14.97 6.23
C GLU A 242 -34.75 15.92 5.93
N ILE A 243 -35.05 16.06 4.66
CA ILE A 243 -36.06 17.01 4.20
C ILE A 243 -37.50 16.58 4.42
N GLY A 244 -37.78 15.30 4.23
CA GLY A 244 -39.11 14.74 4.48
C GLY A 244 -39.55 13.71 3.45
N THR A 245 -40.52 12.89 3.85
CA THR A 245 -41.11 11.86 2.98
C THR A 245 -41.64 12.34 1.62
N ASN A 246 -42.29 13.50 1.57
CA ASN A 246 -42.85 14.03 0.31
C ASN A 246 -41.73 14.31 -0.72
N PHE A 247 -40.59 14.75 -0.21
CA PHE A 247 -39.42 15.00 -1.01
C PHE A 247 -38.95 13.70 -1.68
N GLY A 248 -38.82 12.67 -0.89
CA GLY A 248 -38.50 11.34 -1.44
C GLY A 248 -39.54 10.75 -2.37
N GLU A 249 -40.80 10.93 -2.03
CA GLU A 249 -41.91 10.48 -2.90
C GLU A 249 -41.84 11.11 -4.28
N ASP A 250 -41.71 12.43 -4.30
CA ASP A 250 -41.69 13.16 -5.55
C ASP A 250 -40.51 12.69 -6.41
N ILE A 251 -39.38 12.49 -5.75
CA ILE A 251 -38.19 12.03 -6.43
C ILE A 251 -38.40 10.64 -6.98
N LEU A 252 -39.06 9.78 -6.25
CA LEU A 252 -39.39 8.45 -6.76
C LEU A 252 -40.28 8.52 -7.99
N ARG A 253 -41.21 9.45 -7.98
CA ARG A 253 -42.09 9.58 -9.12
C ARG A 253 -41.28 10.04 -10.34
N MET A 254 -40.44 11.04 -10.12
CA MET A 254 -39.63 11.53 -11.21
C MET A 254 -38.70 10.41 -11.72
N TYR A 255 -38.19 9.59 -10.79
CA TYR A 255 -37.26 8.54 -11.14
C TYR A 255 -37.96 7.51 -12.00
N GLY A 256 -39.18 7.17 -11.59
CA GLY A 256 -40.04 6.28 -12.35
C GLY A 256 -39.75 4.81 -12.19
N ASN A 257 -40.77 4.02 -12.49
CA ASN A 257 -40.68 2.57 -12.59
C ASN A 257 -40.21 1.91 -11.32
N ILE A 258 -40.81 2.30 -10.22
CA ILE A 258 -40.36 1.76 -8.96
C ILE A 258 -41.52 1.77 -8.00
N ASP A 259 -41.69 0.67 -7.30
CA ASP A 259 -42.80 0.51 -6.39
C ASP A 259 -42.55 1.33 -5.11
N ILE A 260 -43.28 2.42 -4.96
CA ILE A 260 -43.06 3.37 -3.87
C ILE A 260 -43.37 2.79 -2.52
N GLU A 261 -44.43 2.01 -2.45
CA GLU A 261 -44.78 1.35 -1.19
C GLU A 261 -43.67 0.45 -0.75
N LYS A 262 -43.06 -0.23 -1.70
CA LYS A 262 -41.95 -1.14 -1.38
C LYS A 262 -40.70 -0.37 -0.98
N ALA A 263 -40.45 0.73 -1.65
CA ALA A 263 -39.35 1.58 -1.22
C ALA A 263 -39.58 2.01 0.24
N LYS A 264 -40.80 2.38 0.58
CA LYS A 264 -41.13 2.73 1.97
C LYS A 264 -40.97 1.59 2.94
N GLU A 265 -41.38 0.40 2.53
CA GLU A 265 -41.24 -0.73 3.39
C GLU A 265 -39.75 -0.96 3.65
N TYR A 266 -38.94 -0.84 2.62
CA TYR A 266 -37.49 -0.97 2.76
C TYR A 266 -36.93 0.06 3.78
N GLN A 267 -37.32 1.30 3.64
CA GLN A 267 -36.90 2.32 4.57
C GLN A 267 -37.35 1.95 6.01
N ASP A 268 -38.58 1.50 6.15
CA ASP A 268 -39.10 1.18 7.46
C ASP A 268 -38.32 0.02 8.12
N ILE A 269 -37.97 -0.96 7.34
CA ILE A 269 -37.16 -2.08 7.81
C ILE A 269 -35.74 -1.66 8.22
N VAL A 270 -35.11 -0.79 7.43
CA VAL A 270 -33.80 -0.26 7.77
C VAL A 270 -33.90 0.50 9.08
N GLU A 271 -34.96 1.28 9.25
CA GLU A 271 -35.13 2.10 10.45
C GLU A 271 -35.29 1.17 11.64
N GLU A 272 -36.07 0.08 11.46
CA GLU A 272 -36.31 -0.87 12.54
C GLU A 272 -35.01 -1.57 12.96
N TYR A 273 -34.12 -1.78 12.01
CA TYR A 273 -32.82 -2.39 12.30
C TYR A 273 -31.79 -1.52 13.02
N TYR A 274 -31.96 -0.22 12.94
CA TYR A 274 -30.92 0.70 13.39
C TYR A 274 -30.37 0.45 14.79
N PRO A 275 -31.25 0.18 15.77
CA PRO A 275 -30.71 -0.07 17.10
C PRO A 275 -29.89 -1.34 17.15
N ILE A 276 -30.25 -2.29 16.33
CA ILE A 276 -29.54 -3.56 16.30
C ILE A 276 -28.18 -3.30 15.63
N GLU A 277 -28.23 -2.58 14.52
CA GLU A 277 -27.01 -2.19 13.80
C GLU A 277 -26.03 -1.53 14.79
N THR A 278 -26.57 -0.70 15.66
CA THR A 278 -25.81 0.12 16.56
C THR A 278 -25.13 -0.80 17.54
N ILE A 279 -25.90 -1.73 18.07
CA ILE A 279 -25.34 -2.74 18.97
C ILE A 279 -24.21 -3.52 18.25
N VAL A 280 -24.46 -3.90 17.00
CA VAL A 280 -23.49 -4.73 16.31
C VAL A 280 -22.19 -3.97 16.07
N TYR A 281 -22.30 -2.71 15.72
CA TYR A 281 -21.14 -1.85 15.58
C TYR A 281 -20.35 -1.82 16.88
N GLY A 282 -21.08 -1.67 17.97
CA GLY A 282 -20.51 -1.65 19.32
C GLY A 282 -19.71 -2.90 19.60
N ILE A 283 -20.26 -4.04 19.23
CA ILE A 283 -19.57 -5.32 19.44
C ILE A 283 -18.32 -5.41 18.57
N LYS A 284 -18.51 -5.20 17.28
CA LYS A 284 -17.40 -5.38 16.31
C LYS A 284 -16.24 -4.44 16.57
N ASN A 285 -16.52 -3.23 17.04
CA ASN A 285 -15.48 -2.23 17.34
C ASN A 285 -15.16 -2.06 18.83
N ILE A 286 -15.69 -2.95 19.66
CA ILE A 286 -15.46 -2.94 21.11
C ILE A 286 -15.70 -1.53 21.68
N LYS A 287 -16.92 -1.03 21.48
CA LYS A 287 -17.34 0.25 22.00
C LYS A 287 -18.64 0.10 22.75
N GLN A 288 -18.51 -0.07 24.05
CA GLN A 288 -19.63 -0.27 24.96
C GLN A 288 -20.73 0.81 24.85
N GLU A 289 -20.32 2.06 24.61
CA GLU A 289 -21.29 3.17 24.54
C GLU A 289 -22.37 2.84 23.44
N PHE A 290 -21.95 2.24 22.33
CA PHE A 290 -22.84 1.92 21.22
C PHE A 290 -23.76 0.77 21.54
N ILE A 291 -23.25 -0.21 22.27
CA ILE A 291 -24.09 -1.31 22.73
C ILE A 291 -25.18 -0.73 23.67
N GLU A 292 -24.76 0.14 24.55
CA GLU A 292 -25.65 0.74 25.54
C GLU A 292 -26.70 1.60 24.85
N ASN A 293 -26.27 2.44 23.93
CA ASN A 293 -27.25 3.28 23.21
C ASN A 293 -28.27 2.47 22.40
N GLY A 294 -27.81 1.41 21.76
CA GLY A 294 -28.70 0.59 20.94
C GLY A 294 -29.76 -0.11 21.77
N ARG A 295 -29.35 -0.65 22.90
CA ARG A 295 -30.27 -1.31 23.81
C ARG A 295 -31.31 -0.32 24.35
N LYS A 296 -30.85 0.86 24.75
CA LYS A 296 -31.77 1.87 25.24
C LYS A 296 -32.79 2.25 24.20
N GLU A 297 -32.30 2.33 22.97
CA GLU A 297 -33.12 2.76 21.84
C GLU A 297 -34.23 1.71 21.57
N ILE A 298 -33.93 0.46 21.80
CA ILE A 298 -34.91 -0.60 21.68
C ILE A 298 -36.08 -0.34 22.64
N TYR A 299 -35.75 -0.05 23.90
CA TYR A 299 -36.79 0.31 24.89
C TYR A 299 -37.63 1.50 24.41
N LYS A 300 -36.97 2.51 23.84
CA LYS A 300 -37.71 3.72 23.47
C LYS A 300 -38.70 3.41 22.36
N ARG A 301 -38.26 2.62 21.42
CA ARG A 301 -39.14 2.26 20.31
C ARG A 301 -40.22 1.29 20.74
N THR A 302 -39.90 0.35 21.62
CA THR A 302 -40.91 -0.60 22.17
C THR A 302 -42.03 0.16 22.85
N TYR A 303 -41.72 1.26 23.53
CA TYR A 303 -42.74 2.04 24.24
C TYR A 303 -43.46 3.15 23.47
N LYS A 304 -42.97 3.50 22.26
CA LYS A 304 -43.63 4.49 21.35
C LYS A 304 -45.09 4.27 21.09
N ASP A 305 -45.46 3.13 20.50
CA ASP A 305 -46.87 2.88 20.12
C ASP A 305 -47.66 4.18 19.72
N TYR B 5 -17.80 13.79 17.05
CA TYR B 5 -16.33 13.59 16.70
C TYR B 5 -15.37 13.63 17.92
N ASP B 6 -14.51 12.60 18.07
CA ASP B 6 -13.52 12.49 19.15
C ASP B 6 -12.06 12.80 18.72
N ASP B 7 -11.68 14.07 18.92
CA ASP B 7 -10.34 14.59 18.59
C ASP B 7 -9.20 13.88 19.40
N ASN B 8 -9.49 13.53 20.66
CA ASN B 8 -8.54 12.71 21.46
C ASN B 8 -8.33 11.31 20.85
N ALA B 9 -9.41 10.63 20.47
CA ALA B 9 -9.24 9.28 19.91
C ALA B 9 -8.39 9.36 18.65
N THR B 10 -8.56 10.43 17.89
CA THR B 10 -7.87 10.53 16.62
C THR B 10 -6.34 10.70 16.77
N ASN B 11 -5.91 11.59 17.65
CA ASN B 11 -4.44 11.87 17.70
C ASN B 11 -3.68 10.70 18.39
N VAL B 12 -4.43 10.00 19.23
CA VAL B 12 -3.96 8.78 19.85
C VAL B 12 -3.72 7.69 18.80
N LYS B 13 -4.66 7.55 17.87
CA LYS B 13 -4.54 6.58 16.78
C LYS B 13 -3.37 6.93 15.90
N ALA B 14 -3.25 8.20 15.61
CA ALA B 14 -2.15 8.69 14.78
C ALA B 14 -0.79 8.40 15.45
N MET B 15 -0.76 8.61 16.75
CA MET B 15 0.49 8.41 17.49
C MET B 15 0.82 6.90 17.59
N LYS B 16 -0.22 6.09 17.79
CA LYS B 16 -0.05 4.63 17.74
C LYS B 16 0.60 4.21 16.40
N TYR B 17 0.04 4.72 15.30
CA TYR B 17 0.55 4.39 13.98
C TYR B 17 2.03 4.79 13.85
N LEU B 18 2.34 6.00 14.24
CA LEU B 18 3.71 6.52 14.09
C LEU B 18 4.75 5.74 14.92
N ILE B 19 4.37 5.41 16.13
CA ILE B 19 5.23 4.61 16.98
C ILE B 19 5.53 3.26 16.31
N GLU B 20 4.49 2.58 15.86
CA GLU B 20 4.68 1.26 15.27
C GLU B 20 5.39 1.35 13.92
N HIS B 21 5.27 2.49 13.26
CA HIS B 21 5.87 2.69 11.93
C HIS B 21 7.36 2.99 12.06
N TYR B 22 7.70 3.90 12.95
CA TYR B 22 9.10 4.31 13.14
C TYR B 22 9.98 3.33 13.93
N PHE B 23 9.32 2.58 14.81
CA PHE B 23 10.02 1.65 15.70
C PHE B 23 9.51 0.24 15.42
N ASP B 24 10.17 -0.39 14.45
CA ASP B 24 9.93 -1.78 14.07
C ASP B 24 9.82 -2.68 15.28
N ASN B 25 8.77 -3.49 15.34
CA ASN B 25 8.58 -4.47 16.42
C ASN B 25 8.12 -3.92 17.74
N PHE B 26 7.88 -2.62 17.80
CA PHE B 26 7.21 -2.09 18.96
C PHE B 26 5.73 -2.28 18.75
N LYS B 27 5.08 -2.96 19.68
CA LYS B 27 3.62 -3.12 19.61
C LYS B 27 2.96 -2.29 20.67
N VAL B 28 1.99 -1.50 20.24
CA VAL B 28 1.24 -0.68 21.15
C VAL B 28 -0.04 -1.39 21.55
N ASP B 29 -0.08 -1.88 22.78
CA ASP B 29 -1.29 -2.51 23.34
C ASP B 29 -2.24 -1.48 23.90
N SER B 30 -1.70 -0.41 24.46
CA SER B 30 -2.51 0.67 25.05
C SER B 30 -1.80 2.01 24.90
N ILE B 31 -2.59 3.06 24.81
CA ILE B 31 -2.02 4.38 24.63
C ILE B 31 -3.02 5.44 25.06
N GLU B 32 -2.55 6.33 25.92
CA GLU B 32 -3.34 7.48 26.36
C GLU B 32 -2.44 8.70 26.52
N ILE B 33 -3.06 9.87 26.35
CA ILE B 33 -2.41 11.15 26.60
C ILE B 33 -2.35 11.38 28.09
N ILE B 34 -1.16 11.57 28.63
CA ILE B 34 -1.02 11.78 30.09
C ILE B 34 -0.57 13.18 30.46
N GLY B 35 -0.15 13.92 29.46
CA GLY B 35 0.17 15.31 29.66
C GLY B 35 0.64 16.00 28.40
N SER B 36 0.75 17.31 28.52
CA SER B 36 1.39 18.08 27.48
C SER B 36 1.97 19.33 28.09
N GLY B 37 2.98 19.86 27.41
CA GLY B 37 3.51 21.19 27.74
C GLY B 37 3.25 22.15 26.61
N TYR B 38 3.98 23.26 26.64
CA TYR B 38 4.03 24.22 25.50
C TYR B 38 4.88 23.74 24.34
N ASP B 39 5.59 22.63 24.51
CA ASP B 39 6.40 22.08 23.42
C ASP B 39 5.87 20.74 22.89
N SER B 40 5.37 19.88 23.77
CA SER B 40 5.18 18.50 23.40
C SER B 40 3.85 17.95 23.93
N VAL B 41 3.45 16.82 23.35
CA VAL B 41 2.36 16.00 23.89
C VAL B 41 2.97 14.68 24.27
N ALA B 42 2.61 14.24 25.47
CA ALA B 42 3.17 13.03 26.05
C ALA B 42 2.12 11.95 26.19
N TYR B 43 2.47 10.80 25.68
CA TYR B 43 1.61 9.62 25.62
C TYR B 43 2.16 8.54 26.51
N LEU B 44 1.28 7.97 27.34
CA LEU B 44 1.60 6.77 28.14
C LEU B 44 1.23 5.53 27.33
N VAL B 45 2.23 4.72 27.06
CA VAL B 45 2.09 3.58 26.15
C VAL B 45 2.33 2.27 26.92
N ASN B 46 1.39 1.31 26.78
CA ASN B 46 1.48 0.01 27.48
C ASN B 46 1.67 0.17 28.98
N ASN B 47 1.23 1.30 29.52
CA ASN B 47 1.37 1.60 30.95
C ASN B 47 2.82 1.60 31.49
N GLU B 48 3.77 1.81 30.60
CA GLU B 48 5.18 1.56 30.83
C GLU B 48 6.09 2.66 30.20
N TYR B 49 5.79 3.06 28.98
CA TYR B 49 6.61 4.00 28.25
C TYR B 49 5.94 5.35 28.07
N ILE B 50 6.75 6.38 28.21
CA ILE B 50 6.35 7.70 27.77
C ILE B 50 6.87 7.86 26.36
N PHE B 51 5.99 8.34 25.48
CA PHE B 51 6.39 8.79 24.16
C PHE B 51 5.95 10.23 24.01
N LYS B 52 6.96 11.05 23.85
CA LYS B 52 6.86 12.49 23.91
C LYS B 52 7.00 12.90 22.45
N THR B 53 6.13 13.74 21.96
CA THR B 53 6.26 14.16 20.56
C THR B 53 6.09 15.67 20.46
N LYS B 54 6.84 16.34 19.60
CA LYS B 54 6.96 17.83 19.67
C LYS B 54 6.12 18.58 18.65
N PHE B 55 5.33 19.56 19.11
CA PHE B 55 4.49 20.39 18.24
C PHE B 55 4.91 21.90 18.12
N SER B 56 5.78 22.39 19.00
CA SER B 56 6.15 23.79 18.95
C SER B 56 7.25 24.02 17.88
N THR B 57 7.43 25.28 17.48
CA THR B 57 8.29 25.68 16.32
C THR B 57 9.78 26.08 16.56
N GLY B 62 17.20 20.23 19.04
CA GLY B 62 15.88 20.33 19.77
C GLY B 62 15.55 19.09 20.62
N TYR B 63 14.80 18.12 20.10
CA TYR B 63 14.82 16.76 20.70
C TYR B 63 16.21 16.12 20.52
N ALA B 64 16.93 16.53 19.47
CA ALA B 64 18.31 16.11 19.28
C ALA B 64 19.11 16.53 20.50
N LYS B 65 19.00 17.80 20.85
CA LYS B 65 19.70 18.32 22.03
C LYS B 65 19.21 17.70 23.34
N GLU B 66 17.91 17.54 23.49
CA GLU B 66 17.34 16.96 24.68
C GLU B 66 17.88 15.55 24.87
N LYS B 67 17.93 14.81 23.79
CA LYS B 67 18.43 13.43 23.82
C LYS B 67 19.94 13.38 24.12
N ALA B 68 20.71 14.25 23.48
CA ALA B 68 22.12 14.33 23.79
C ALA B 68 22.31 14.61 25.28
N ILE B 69 21.42 15.40 25.84
CA ILE B 69 21.48 15.74 27.24
C ILE B 69 21.14 14.56 28.15
N TYR B 70 20.07 13.84 27.84
CA TYR B 70 19.76 12.61 28.59
C TYR B 70 20.95 11.63 28.50
N ASN B 71 21.55 11.47 27.31
CA ASN B 71 22.66 10.52 27.15
CA ASN B 71 22.64 10.52 27.14
C ASN B 71 23.86 10.91 27.99
N PHE B 72 24.21 12.18 27.93
CA PHE B 72 25.27 12.71 28.78
C PHE B 72 25.03 12.51 30.29
N LEU B 73 23.81 12.78 30.73
CA LEU B 73 23.51 12.72 32.15
C LEU B 73 23.45 11.28 32.66
N ASN B 74 22.87 10.38 31.87
CA ASN B 74 22.77 8.99 32.31
C ASN B 74 24.16 8.35 32.38
N THR B 75 25.06 8.85 31.53
CA THR B 75 26.45 8.43 31.54
C THR B 75 27.24 9.00 32.72
N ASN B 76 27.06 10.27 33.03
CA ASN B 76 27.95 10.97 33.95
C ASN B 76 27.42 11.35 35.31
N LEU B 77 26.12 11.33 35.50
CA LEU B 77 25.55 11.61 36.83
C LEU B 77 25.63 10.40 37.70
N GLU B 78 25.88 10.61 38.98
CA GLU B 78 25.75 9.54 39.96
C GLU B 78 24.72 9.98 40.96
N THR B 79 23.53 9.42 40.84
CA THR B 79 22.43 9.85 41.69
C THR B 79 21.40 8.74 41.69
N ASN B 80 20.67 8.64 42.78
CA ASN B 80 19.48 7.78 42.82
C ASN B 80 18.29 8.39 42.10
N VAL B 81 18.34 9.69 41.85
CA VAL B 81 17.23 10.37 41.21
C VAL B 81 17.12 9.92 39.75
N LYS B 82 15.95 9.48 39.35
CA LYS B 82 15.78 9.02 37.98
C LYS B 82 15.49 10.15 37.02
N ILE B 83 16.00 10.01 35.82
CA ILE B 83 15.71 10.90 34.73
C ILE B 83 15.43 10.05 33.48
N PRO B 84 14.84 10.67 32.47
CA PRO B 84 14.56 9.88 31.29
C PRO B 84 15.79 9.26 30.72
N ASN B 85 15.66 7.99 30.40
CA ASN B 85 16.67 7.29 29.65
C ASN B 85 16.09 6.86 28.30
N ILE B 86 16.60 7.49 27.25
CA ILE B 86 16.04 7.35 25.89
C ILE B 86 16.32 5.97 25.26
N GLU B 87 15.24 5.25 24.96
CA GLU B 87 15.34 3.97 24.27
C GLU B 87 14.90 4.07 22.83
N TYR B 88 14.06 5.05 22.53
CA TYR B 88 13.53 5.23 21.17
C TYR B 88 13.61 6.68 20.78
N SER B 89 14.09 6.94 19.59
CA SER B 89 14.03 8.29 19.07
C SER B 89 13.82 8.33 17.56
N TYR B 90 13.01 9.29 17.11
CA TYR B 90 12.95 9.66 15.72
C TYR B 90 12.97 11.17 15.67
N ILE B 91 13.89 11.72 14.89
CA ILE B 91 14.12 13.15 14.87
C ILE B 91 14.21 13.68 13.47
N SER B 92 13.37 14.65 13.17
CA SER B 92 13.38 15.31 11.86
C SER B 92 12.89 16.73 12.06
N ASP B 93 13.06 17.54 11.04
CA ASP B 93 12.57 18.91 11.09
C ASP B 93 11.09 18.98 11.41
N GLU B 94 10.31 18.08 10.83
CA GLU B 94 8.85 18.14 10.90
C GLU B 94 8.25 17.36 12.08
N LEU B 95 8.96 16.35 12.56
CA LEU B 95 8.42 15.43 13.59
C LEU B 95 9.51 14.84 14.41
N SER B 96 9.36 14.96 15.71
CA SER B 96 10.31 14.29 16.60
C SER B 96 9.61 13.54 17.73
N ILE B 97 10.20 12.40 18.07
CA ILE B 97 9.65 11.54 19.10
C ILE B 97 10.77 11.01 19.97
N LEU B 98 10.55 11.06 21.28
CA LEU B 98 11.46 10.44 22.25
C LEU B 98 10.64 9.50 23.07
N GLY B 99 11.18 8.32 23.24
CA GLY B 99 10.53 7.30 24.04
C GLY B 99 11.44 6.80 25.13
N TYR B 100 10.88 6.73 26.32
CA TYR B 100 11.63 6.29 27.50
C TYR B 100 10.65 5.74 28.47
N LYS B 101 11.15 4.94 29.38
CA LYS B 101 10.29 4.32 30.39
C LYS B 101 9.77 5.39 31.32
N GLU B 102 8.49 5.31 31.62
CA GLU B 102 7.83 6.26 32.49
C GLU B 102 8.59 6.32 33.77
N ILE B 103 8.86 7.53 34.23
CA ILE B 103 9.29 7.74 35.62
C ILE B 103 8.05 7.86 36.46
N LYS B 104 7.96 6.98 37.45
CA LYS B 104 6.77 6.88 38.28
C LYS B 104 6.89 7.68 39.55
N GLY B 105 5.75 8.15 40.02
CA GLY B 105 5.72 8.93 41.23
C GLY B 105 4.63 9.96 41.13
N THR B 106 4.68 10.89 42.07
CA THR B 106 3.68 11.95 42.18
C THR B 106 4.36 13.28 42.03
N PHE B 107 3.76 14.14 41.21
CA PHE B 107 4.33 15.42 40.96
C PHE B 107 4.17 16.29 42.20
N LEU B 108 5.26 16.92 42.59
CA LEU B 108 5.27 17.93 43.67
C LEU B 108 4.36 19.12 43.37
N THR B 109 3.55 19.49 44.34
CA THR B 109 2.67 20.64 44.27
C THR B 109 2.72 21.36 45.59
N PRO B 110 2.25 22.62 45.65
CA PRO B 110 2.16 23.34 46.93
C PRO B 110 1.29 22.64 47.94
N GLU B 111 0.24 22.01 47.47
CA GLU B 111 -0.69 21.32 48.33
C GLU B 111 0.06 20.19 49.04
N ILE B 112 0.75 19.39 48.26
CA ILE B 112 1.40 18.20 48.80
C ILE B 112 2.50 18.64 49.76
N TYR B 113 3.22 19.68 49.37
CA TYR B 113 4.31 20.19 50.22
C TYR B 113 3.76 20.57 51.59
N SER B 114 2.60 21.22 51.60
CA SER B 114 2.05 21.71 52.84
C SER B 114 1.59 20.57 53.76
N THR B 115 1.40 19.39 53.21
CA THR B 115 1.06 18.23 54.02
C THR B 115 2.30 17.45 54.48
N MET B 116 3.47 17.88 54.05
CA MET B 116 4.68 17.19 54.46
C MET B 116 5.11 17.67 55.83
N SER B 117 5.68 16.77 56.61
CA SER B 117 6.26 17.18 57.88
C SER B 117 7.46 18.06 57.64
N GLU B 118 7.86 18.75 58.68
CA GLU B 118 9.00 19.68 58.57
C GLU B 118 10.25 18.94 58.11
N GLU B 119 10.43 17.76 58.68
CA GLU B 119 11.54 16.87 58.35
C GLU B 119 11.48 16.41 56.89
N GLU B 120 10.30 16.01 56.43
CA GLU B 120 10.12 15.67 55.01
C GLU B 120 10.48 16.84 54.08
N GLN B 121 10.04 18.02 54.46
CA GLN B 121 10.34 19.20 53.68
C GLN B 121 11.83 19.47 53.59
N ASN B 122 12.50 19.42 54.73
CA ASN B 122 13.95 19.64 54.77
CA ASN B 122 13.95 19.66 54.75
C ASN B 122 14.70 18.61 53.92
N LEU B 123 14.28 17.35 53.98
CA LEU B 123 14.91 16.31 53.16
C LEU B 123 14.73 16.58 51.67
N LEU B 124 13.54 17.03 51.32
CA LEU B 124 13.22 17.29 49.93
C LEU B 124 14.07 18.47 49.46
N LYS B 125 14.19 19.48 50.29
CA LYS B 125 15.06 20.61 49.98
C LYS B 125 16.51 20.19 49.78
N ARG B 126 16.99 19.36 50.69
CA ARG B 126 18.33 18.79 50.58
C ARG B 126 18.48 17.96 49.30
N ASP B 127 17.50 17.12 48.99
CA ASP B 127 17.57 16.28 47.80
C ASP B 127 17.71 17.17 46.56
N ILE B 128 16.96 18.26 46.55
CA ILE B 128 16.97 19.16 45.41
C ILE B 128 18.32 19.89 45.35
N ALA B 129 18.78 20.43 46.46
CA ALA B 129 20.06 21.16 46.47
C ALA B 129 21.21 20.25 45.99
N SER B 130 21.13 19.01 46.45
CA SER B 130 22.16 18.02 46.18
C SER B 130 22.14 17.61 44.70
N PHE B 131 20.96 17.38 44.14
CA PHE B 131 20.87 17.07 42.72
C PHE B 131 21.44 18.19 41.86
N LEU B 132 21.01 19.41 42.14
CA LEU B 132 21.48 20.56 41.37
C LEU B 132 22.98 20.77 41.50
N ARG B 133 23.49 20.56 42.70
CA ARG B 133 24.91 20.72 42.97
C ARG B 133 25.67 19.73 42.10
N GLN B 134 25.20 18.49 42.07
CA GLN B 134 25.84 17.48 41.28
C GLN B 134 25.77 17.76 39.77
N MET B 135 24.62 18.17 39.27
CA MET B 135 24.50 18.48 37.83
C MET B 135 25.35 19.67 37.43
N HIS B 136 25.24 20.73 38.21
CA HIS B 136 25.97 21.97 37.90
C HIS B 136 27.50 21.77 37.99
N GLY B 137 27.91 20.78 38.77
CA GLY B 137 29.34 20.51 38.94
C GLY B 137 29.95 19.64 37.86
N LEU B 138 29.14 19.09 36.96
CA LEU B 138 29.66 18.23 35.88
C LEU B 138 30.52 19.00 34.90
N ASP B 139 31.63 18.40 34.49
CA ASP B 139 32.46 18.90 33.39
C ASP B 139 31.64 18.70 32.10
N TYR B 140 31.31 19.79 31.41
CA TYR B 140 30.37 19.67 30.29
C TYR B 140 31.04 19.62 28.92
N THR B 141 32.32 19.29 28.90
CA THR B 141 33.10 19.27 27.66
C THR B 141 32.43 18.47 26.55
N ASP B 142 31.89 17.32 26.93
CA ASP B 142 31.30 16.39 25.96
C ASP B 142 30.02 16.88 25.25
N ILE B 143 29.36 17.88 25.85
CA ILE B 143 28.16 18.52 25.25
C ILE B 143 28.38 20.02 25.10
N SER B 144 29.63 20.39 24.84
CA SER B 144 30.04 21.80 24.88
C SER B 144 29.30 22.65 23.88
N GLU B 145 28.65 22.00 22.92
CA GLU B 145 27.93 22.68 21.85
C GLU B 145 26.55 23.15 22.33
N CYS B 146 26.07 22.57 23.43
CA CYS B 146 24.73 22.85 23.93
C CYS B 146 24.67 24.09 24.80
N THR B 147 25.27 25.17 24.35
CA THR B 147 25.27 26.40 25.14
C THR B 147 23.99 27.12 24.87
N ILE B 148 23.56 27.93 25.83
CA ILE B 148 22.40 28.80 25.65
C ILE B 148 22.80 30.17 26.15
N ASP B 149 22.53 31.17 25.34
CA ASP B 149 22.83 32.54 25.67
C ASP B 149 21.51 33.25 25.72
N ASN B 150 21.01 33.47 26.92
CA ASN B 150 19.66 34.06 27.07
C ASN B 150 19.60 35.48 26.53
N LYS B 151 20.68 36.21 26.71
CA LYS B 151 20.69 37.62 26.33
C LYS B 151 20.62 37.70 24.81
N GLN B 152 21.42 36.90 24.14
CA GLN B 152 21.44 36.82 22.68
C GLN B 152 20.11 36.35 22.11
N ASN B 153 19.49 35.39 22.79
CA ASN B 153 18.14 34.94 22.42
C ASN B 153 17.06 36.02 22.49
N VAL B 154 17.06 36.77 23.56
CA VAL B 154 16.16 37.89 23.69
C VAL B 154 16.44 38.92 22.60
N LEU B 155 17.70 39.21 22.34
CA LEU B 155 18.01 40.10 21.23
C LEU B 155 17.41 39.62 19.91
N GLU B 156 17.57 38.35 19.61
CA GLU B 156 17.00 37.80 18.39
C GLU B 156 15.49 37.87 18.36
N GLU B 157 14.87 37.63 19.50
CA GLU B 157 13.42 37.69 19.60
C GLU B 157 12.95 39.11 19.41
N TYR B 158 13.71 40.04 19.97
CA TYR B 158 13.40 41.48 19.81
C TYR B 158 13.45 41.84 18.32
N ILE B 159 14.50 41.36 17.62
CA ILE B 159 14.63 41.64 16.19
C ILE B 159 13.41 41.08 15.48
N LEU B 160 12.98 39.88 15.88
CA LEU B 160 11.81 39.27 15.30
C LEU B 160 10.58 40.20 15.45
N LEU B 161 10.41 40.74 16.64
CA LEU B 161 9.35 41.70 16.90
C LEU B 161 9.44 42.85 15.95
N ARG B 162 10.63 43.44 15.87
CA ARG B 162 10.82 44.64 15.03
C ARG B 162 10.52 44.31 13.57
N GLU B 163 10.76 43.06 13.20
CA GLU B 163 10.48 42.61 11.84
C GLU B 163 9.03 42.22 11.59
N THR B 164 8.23 42.03 12.65
CA THR B 164 6.85 41.61 12.48
C THR B 164 5.90 42.66 12.99
N ILE B 165 5.57 42.60 14.26
CA ILE B 165 4.47 43.42 14.76
C ILE B 165 4.80 44.71 15.52
N TYR B 166 6.06 44.95 15.80
CA TYR B 166 6.43 46.10 16.63
C TYR B 166 5.74 47.38 16.25
N ASN B 167 5.68 47.68 14.95
CA ASN B 167 5.11 48.96 14.50
C ASN B 167 3.62 49.08 14.69
N ASP B 168 2.94 47.95 14.81
CA ASP B 168 1.53 47.95 15.15
C ASP B 168 1.28 48.02 16.63
N LEU B 169 2.32 48.08 17.46
CA LEU B 169 2.11 48.09 18.89
C LEU B 169 1.78 49.47 19.40
N THR B 170 1.07 49.54 20.52
CA THR B 170 0.80 50.84 21.17
C THR B 170 2.05 51.35 21.89
N ASP B 171 2.03 52.61 22.24
CA ASP B 171 3.12 53.19 23.02
C ASP B 171 3.32 52.48 24.35
N ILE B 172 2.23 52.16 25.03
CA ILE B 172 2.29 51.47 26.29
C ILE B 172 3.00 50.13 26.10
N GLU B 173 2.68 49.45 25.02
CA GLU B 173 3.26 48.14 24.77
C GLU B 173 4.75 48.31 24.44
N LYS B 174 5.04 49.23 23.53
CA LYS B 174 6.41 49.56 23.17
C LYS B 174 7.22 49.96 24.39
N ASP B 175 6.68 50.81 25.26
CA ASP B 175 7.41 51.24 26.46
C ASP B 175 7.73 50.06 27.38
N TYR B 176 6.82 49.12 27.50
CA TYR B 176 7.04 47.98 28.35
C TYR B 176 8.24 47.20 27.80
N ILE B 177 8.24 47.01 26.49
CA ILE B 177 9.30 46.27 25.81
C ILE B 177 10.66 46.97 25.91
N GLU B 178 10.69 48.25 25.63
CA GLU B 178 11.95 48.99 25.57
C GLU B 178 12.55 49.09 26.96
N SER B 179 11.68 49.24 27.91
CA SER B 179 12.07 49.31 29.29
C SER B 179 12.72 47.97 29.71
N PHE B 180 12.11 46.88 29.30
CA PHE B 180 12.73 45.58 29.46
C PHE B 180 14.10 45.50 28.76
N MET B 181 14.16 45.88 27.50
CA MET B 181 15.43 45.82 26.76
C MET B 181 16.53 46.66 27.45
N GLU B 182 16.16 47.78 28.00
CA GLU B 182 17.11 48.62 28.69
C GLU B 182 17.68 47.90 29.93
N ARG B 183 16.79 47.23 30.65
CA ARG B 183 17.17 46.55 31.87
C ARG B 183 18.10 45.39 31.54
N LEU B 184 17.76 44.69 30.47
CA LEU B 184 18.57 43.61 29.99
C LEU B 184 19.97 44.05 29.60
N ASN B 185 20.07 45.23 29.04
CA ASN B 185 21.39 45.77 28.66
C ASN B 185 22.21 46.16 29.88
N ALA B 186 21.54 46.53 30.96
CA ALA B 186 22.22 47.02 32.17
C ALA B 186 22.55 45.92 33.18
N THR B 187 21.79 44.84 33.21
CA THR B 187 21.97 43.85 34.24
C THR B 187 23.35 43.18 34.16
N THR B 188 23.87 42.79 35.31
CA THR B 188 25.08 41.97 35.37
C THR B 188 24.82 40.49 35.67
N VAL B 189 23.56 40.07 35.68
CA VAL B 189 23.26 38.70 36.14
C VAL B 189 23.74 37.60 35.20
N PHE B 190 24.23 37.96 34.04
CA PHE B 190 24.76 36.98 33.06
C PHE B 190 26.25 36.74 33.19
N GLU B 191 26.87 37.38 34.17
CA GLU B 191 28.33 37.41 34.24
C GLU B 191 28.85 36.45 35.29
N GLY B 192 28.01 35.48 35.65
CA GLY B 192 28.36 34.53 36.71
C GLY B 192 28.73 33.18 36.16
N LYS B 193 28.75 32.20 37.04
CA LYS B 193 29.12 30.85 36.65
C LYS B 193 28.17 30.32 35.58
N LYS B 194 28.74 29.69 34.56
CA LYS B 194 27.97 28.96 33.55
C LYS B 194 28.10 27.47 33.81
N CYS B 195 27.02 26.73 33.65
CA CYS B 195 27.08 25.30 33.81
C CYS B 195 25.88 24.64 33.18
N LEU B 196 25.86 23.32 33.20
CA LEU B 196 24.73 22.59 32.69
C LEU B 196 23.57 22.71 33.66
N CYS B 197 22.46 23.26 33.17
CA CYS B 197 21.24 23.45 33.98
C CYS B 197 20.06 22.75 33.34
N HIS B 198 19.15 22.35 34.19
CA HIS B 198 17.90 21.80 33.71
C HIS B 198 17.13 22.84 32.88
N ASN B 199 17.08 24.06 33.45
CA ASN B 199 16.56 25.27 32.80
C ASN B 199 15.05 25.35 32.61
N ASP B 200 14.33 24.51 33.32
CA ASP B 200 12.85 24.57 33.41
C ASP B 200 12.45 23.87 34.71
N PHE B 201 13.11 24.28 35.78
CA PHE B 201 13.16 23.47 36.99
C PHE B 201 12.03 23.90 37.93
N SER B 202 10.83 23.52 37.54
CA SER B 202 9.65 23.85 38.31
C SER B 202 9.12 22.61 38.96
N CYS B 203 8.24 22.81 39.90
CA CYS B 203 7.82 21.69 40.68
C CYS B 203 6.96 20.68 39.86
N ASN B 204 6.41 21.11 38.73
CA ASN B 204 5.66 20.17 37.89
C ASN B 204 6.56 19.26 37.09
N HIS B 205 7.88 19.39 37.25
CA HIS B 205 8.80 18.40 36.70
C HIS B 205 9.49 17.58 37.78
N LEU B 206 9.11 17.76 39.02
CA LEU B 206 9.70 17.02 40.14
C LEU B 206 8.75 15.94 40.65
N LEU B 207 9.23 14.70 40.65
CA LEU B 207 8.46 13.55 41.10
C LEU B 207 8.89 13.04 42.47
N LEU B 208 7.89 12.77 43.30
CA LEU B 208 8.04 12.25 44.64
C LEU B 208 7.69 10.77 44.67
N ASP B 209 8.47 10.02 45.46
CA ASP B 209 8.10 8.63 45.76
C ASP B 209 7.08 8.63 46.91
N GLY B 210 6.67 7.45 47.34
CA GLY B 210 5.68 7.30 48.42
C GLY B 210 6.16 7.77 49.79
N ASN B 211 7.43 8.11 49.90
CA ASN B 211 8.00 8.65 51.13
C ASN B 211 8.29 10.15 50.99
N ASN B 212 7.75 10.74 49.93
CA ASN B 212 7.89 12.18 49.69
C ASN B 212 9.32 12.58 49.50
N ARG B 213 10.12 11.65 49.02
CA ARG B 213 11.47 11.97 48.65
C ARG B 213 11.50 12.18 47.14
N LEU B 214 12.43 13.02 46.71
CA LEU B 214 12.61 13.30 45.31
C LEU B 214 13.07 12.04 44.61
N THR B 215 12.26 11.55 43.68
CA THR B 215 12.59 10.28 43.02
C THR B 215 12.89 10.40 41.54
N GLY B 216 12.41 11.49 40.96
CA GLY B 216 12.59 11.70 39.53
C GLY B 216 12.49 13.14 39.12
N ILE B 217 13.12 13.41 37.99
CA ILE B 217 13.06 14.70 37.33
C ILE B 217 12.90 14.50 35.84
N ILE B 218 11.92 15.20 35.24
CA ILE B 218 11.63 15.10 33.81
C ILE B 218 11.85 16.40 33.07
N ASP B 219 11.66 16.35 31.76
CA ASP B 219 11.69 17.51 30.86
C ASP B 219 12.96 18.33 30.90
N PHE B 220 14.05 17.74 30.41
CA PHE B 220 15.32 18.47 30.24
C PHE B 220 15.35 19.07 28.83
N GLY B 221 14.14 19.26 28.26
CA GLY B 221 13.96 19.83 26.93
C GLY B 221 14.49 21.22 26.72
N ASP B 222 14.69 21.98 27.78
CA ASP B 222 15.30 23.28 27.63
C ASP B 222 16.71 23.35 28.24
N SER B 223 17.27 22.22 28.61
CA SER B 223 18.59 22.24 29.28
C SER B 223 19.73 22.65 28.37
N GLY B 224 20.77 23.13 29.01
CA GLY B 224 21.98 23.41 28.32
C GLY B 224 22.94 24.10 29.22
N ILE B 225 24.00 24.61 28.61
CA ILE B 225 25.05 25.29 29.35
C ILE B 225 24.62 26.74 29.41
N ILE B 226 24.36 27.19 30.64
CA ILE B 226 23.68 28.48 30.83
C ILE B 226 24.00 28.99 32.21
N ASP B 227 23.52 30.17 32.57
CA ASP B 227 23.77 30.71 33.93
C ASP B 227 23.28 29.80 35.02
N GLU B 228 24.14 29.56 35.99
CA GLU B 228 23.84 28.80 37.20
C GLU B 228 22.51 29.24 37.86
N TYR B 229 22.24 30.54 37.84
CA TYR B 229 21.01 31.10 38.42
C TYR B 229 19.72 30.50 37.87
N CYS B 230 19.78 30.03 36.64
CA CYS B 230 18.58 29.61 35.89
C CYS B 230 17.80 28.56 36.65
N ASP B 231 18.49 27.65 37.32
CA ASP B 231 17.80 26.55 37.93
C ASP B 231 17.08 26.91 39.24
N PHE B 232 17.12 28.17 39.63
CA PHE B 232 16.46 28.61 40.85
C PHE B 232 15.28 29.53 40.59
N ILE B 233 15.02 29.79 39.33
CA ILE B 233 14.02 30.75 38.95
C ILE B 233 12.63 30.42 39.46
N TYR B 234 12.23 29.17 39.32
CA TYR B 234 10.90 28.74 39.72
C TYR B 234 10.84 28.38 41.20
N LEU B 235 11.94 27.85 41.74
CA LEU B 235 12.06 27.65 43.18
C LEU B 235 11.86 28.93 43.95
N LEU B 236 12.30 30.03 43.36
CA LEU B 236 12.14 31.35 43.98
C LEU B 236 10.82 32.02 43.71
N GLU B 237 10.01 31.41 42.87
CA GLU B 237 8.78 32.05 42.42
C GLU B 237 7.72 32.03 43.50
N ASP B 238 7.08 33.18 43.65
CA ASP B 238 5.94 33.36 44.54
C ASP B 238 4.64 33.36 43.72
N SER B 239 4.04 32.19 43.59
CA SER B 239 2.86 32.00 42.74
C SER B 239 2.07 30.80 43.23
N GLU B 240 0.88 30.64 42.69
CA GLU B 240 0.02 29.50 43.04
C GLU B 240 0.55 28.15 42.55
N GLU B 241 1.38 28.14 41.51
CA GLU B 241 1.89 26.89 40.90
C GLU B 241 3.13 26.39 41.60
N GLU B 242 3.92 27.32 42.10
CA GLU B 242 5.17 26.99 42.80
C GLU B 242 4.99 27.10 44.32
N ILE B 243 5.96 26.56 45.06
CA ILE B 243 5.87 26.45 46.53
C ILE B 243 6.07 27.76 47.28
N GLY B 244 7.02 28.56 46.84
CA GLY B 244 7.24 29.87 47.41
C GLY B 244 8.70 30.26 47.52
N THR B 245 8.93 31.55 47.64
CA THR B 245 10.28 32.14 47.74
C THR B 245 11.16 31.58 48.87
N ASN B 246 10.56 31.33 50.04
CA ASN B 246 11.28 30.75 51.19
C ASN B 246 11.88 29.37 50.87
N PHE B 247 11.10 28.60 50.12
CA PHE B 247 11.51 27.28 49.67
C PHE B 247 12.77 27.40 48.81
N GLY B 248 12.73 28.31 47.85
CA GLY B 248 13.91 28.55 47.00
C GLY B 248 15.10 29.13 47.76
N GLU B 249 14.82 30.04 48.67
CA GLU B 249 15.87 30.63 49.51
C GLU B 249 16.60 29.54 50.32
N ASP B 250 15.83 28.68 50.96
CA ASP B 250 16.40 27.63 51.79
C ASP B 250 17.26 26.71 50.95
N ILE B 251 16.76 26.40 49.76
CA ILE B 251 17.46 25.53 48.87
C ILE B 251 18.75 26.18 48.42
N LEU B 252 18.72 27.49 48.16
CA LEU B 252 19.94 28.21 47.77
C LEU B 252 20.97 28.17 48.88
N ARG B 253 20.50 28.23 50.11
CA ARG B 253 21.42 28.20 51.24
C ARG B 253 22.05 26.82 51.34
N MET B 254 21.23 25.79 51.20
CA MET B 254 21.75 24.43 51.23
C MET B 254 22.71 24.23 50.10
N TYR B 255 22.39 24.77 48.93
CA TYR B 255 23.23 24.56 47.75
C TYR B 255 24.59 25.22 47.98
N GLY B 256 24.55 26.42 48.55
CA GLY B 256 25.74 27.18 48.90
C GLY B 256 26.44 27.92 47.76
N ASN B 257 27.24 28.90 48.14
CA ASN B 257 28.17 29.60 47.27
C ASN B 257 27.49 30.26 46.09
N ILE B 258 26.41 30.97 46.37
CA ILE B 258 25.69 31.59 45.29
C ILE B 258 24.99 32.82 45.81
N ASP B 259 25.06 33.90 45.03
CA ASP B 259 24.55 35.19 45.45
C ASP B 259 23.02 35.16 45.31
N ILE B 260 22.33 35.10 46.44
CA ILE B 260 20.89 34.94 46.44
C ILE B 260 20.17 36.14 45.82
N GLU B 261 20.65 37.35 46.13
CA GLU B 261 20.03 38.58 45.55
C GLU B 261 20.11 38.56 44.04
N LYS B 262 21.21 38.04 43.52
CA LYS B 262 21.39 37.96 42.06
C LYS B 262 20.54 36.86 41.46
N ALA B 263 20.42 35.75 42.16
CA ALA B 263 19.46 34.74 41.74
C ALA B 263 18.05 35.38 41.65
N LYS B 264 17.70 36.19 42.63
CA LYS B 264 16.40 36.87 42.62
C LYS B 264 16.23 37.87 41.52
N GLU B 265 17.27 38.62 41.24
CA GLU B 265 17.22 39.57 40.14
C GLU B 265 16.99 38.81 38.84
N TYR B 266 17.67 37.69 38.68
CA TYR B 266 17.50 36.86 37.52
C TYR B 266 15.99 36.43 37.39
N GLN B 267 15.45 35.95 38.48
CA GLN B 267 14.05 35.52 38.48
C GLN B 267 13.12 36.70 38.12
N ASP B 268 13.41 37.86 38.66
CA ASP B 268 12.59 39.02 38.39
C ASP B 268 12.64 39.43 36.91
N ILE B 269 13.80 39.30 36.30
CA ILE B 269 13.97 39.61 34.89
C ILE B 269 13.21 38.65 34.00
N VAL B 270 13.29 37.37 34.32
CA VAL B 270 12.57 36.37 33.58
C VAL B 270 11.04 36.61 33.72
N GLU B 271 10.60 36.97 34.91
CA GLU B 271 9.19 37.30 35.14
C GLU B 271 8.77 38.52 34.30
N GLU B 272 9.60 39.55 34.27
CA GLU B 272 9.28 40.76 33.51
C GLU B 272 9.12 40.44 32.01
N TYR B 273 9.91 39.50 31.53
CA TYR B 273 9.93 39.15 30.12
C TYR B 273 8.71 38.32 29.68
N TYR B 274 8.05 37.69 30.63
CA TYR B 274 7.00 36.72 30.30
C TYR B 274 5.94 37.17 29.25
N PRO B 275 5.40 38.37 29.37
CA PRO B 275 4.42 38.80 28.39
C PRO B 275 5.02 38.95 27.03
N ILE B 276 6.29 39.33 26.98
CA ILE B 276 6.97 39.49 25.70
C ILE B 276 7.24 38.08 25.12
N GLU B 277 7.71 37.17 25.96
CA GLU B 277 7.92 35.78 25.58
C GLU B 277 6.64 35.21 25.00
N THR B 278 5.52 35.53 25.65
CA THR B 278 4.20 35.02 25.24
C THR B 278 3.85 35.51 23.84
N ILE B 279 4.05 36.78 23.61
CA ILE B 279 3.85 37.37 22.30
C ILE B 279 4.75 36.68 21.30
N VAL B 280 6.00 36.49 21.67
CA VAL B 280 6.93 35.93 20.70
C VAL B 280 6.53 34.48 20.32
N TYR B 281 6.12 33.69 21.31
CA TYR B 281 5.61 32.35 21.08
C TYR B 281 4.43 32.39 20.11
N GLY B 282 3.58 33.38 20.33
CA GLY B 282 2.42 33.64 19.43
C GLY B 282 2.80 33.88 17.99
N ILE B 283 3.81 34.70 17.80
CA ILE B 283 4.28 35.01 16.46
C ILE B 283 4.90 33.75 15.83
N LYS B 284 5.83 33.14 16.54
CA LYS B 284 6.59 32.04 15.99
C LYS B 284 5.69 30.87 15.62
N ASN B 285 4.66 30.65 16.40
CA ASN B 285 3.79 29.48 16.20
C ASN B 285 2.47 29.84 15.52
N ILE B 286 2.36 31.09 15.06
CA ILE B 286 1.14 31.62 14.43
C ILE B 286 -0.09 31.31 15.28
N LYS B 287 -0.05 31.77 16.52
CA LYS B 287 -1.17 31.64 17.44
C LYS B 287 -1.55 33.00 17.99
N GLN B 288 -2.52 33.60 17.34
CA GLN B 288 -3.01 34.92 17.65
C GLN B 288 -3.41 35.05 19.10
N GLU B 289 -3.98 34.00 19.67
CA GLU B 289 -4.46 34.06 21.08
C GLU B 289 -3.30 34.47 22.01
N PHE B 290 -2.12 33.93 21.73
CA PHE B 290 -0.95 34.22 22.58
C PHE B 290 -0.40 35.62 22.41
N ILE B 291 -0.46 36.14 21.19
CA ILE B 291 -0.14 37.55 20.95
C ILE B 291 -1.11 38.47 21.70
N GLU B 292 -2.37 38.14 21.62
CA GLU B 292 -3.43 38.90 22.26
C GLU B 292 -3.27 38.82 23.78
N ASN B 293 -3.03 37.62 24.33
CA ASN B 293 -2.85 37.49 25.79
C ASN B 293 -1.63 38.22 26.31
N GLY B 294 -0.51 38.15 25.59
CA GLY B 294 0.71 38.85 26.01
C GLY B 294 0.52 40.36 26.05
N ARG B 295 -0.11 40.89 25.02
CA ARG B 295 -0.37 42.32 24.96
C ARG B 295 -1.28 42.78 26.10
N LYS B 296 -2.35 42.02 26.33
CA LYS B 296 -3.26 42.29 27.42
C LYS B 296 -2.56 42.27 28.75
N GLU B 297 -1.66 41.31 28.90
CA GLU B 297 -0.92 41.14 30.14
C GLU B 297 -0.04 42.35 30.40
N ILE B 298 0.47 42.95 29.34
CA ILE B 298 1.30 44.14 29.46
C ILE B 298 0.45 45.26 30.06
N TYR B 299 -0.73 45.49 29.50
CA TYR B 299 -1.71 46.46 30.09
C TYR B 299 -2.06 46.14 31.57
N LYS B 300 -2.28 44.87 31.89
CA LYS B 300 -2.59 44.53 33.31
C LYS B 300 -1.45 44.88 34.27
N ARG B 301 -0.23 44.56 33.84
CA ARG B 301 0.92 44.85 34.68
C ARG B 301 1.17 46.34 34.74
N THR B 302 0.98 47.04 33.62
CA THR B 302 1.15 48.48 33.58
C THR B 302 0.19 49.18 34.58
N TYR B 303 -1.02 48.67 34.73
CA TYR B 303 -2.03 49.24 35.65
C TYR B 303 -2.01 48.72 37.07
N LYS B 304 -1.37 47.58 37.35
CA LYS B 304 -1.28 47.06 38.74
C LYS B 304 -0.35 47.98 39.56
N TYR C 3 5.92 -24.77 -19.00
CA TYR C 3 5.56 -23.48 -18.34
C TYR C 3 6.26 -23.29 -16.98
N ARG C 4 7.56 -23.51 -16.89
CA ARG C 4 8.31 -23.34 -15.60
C ARG C 4 7.97 -22.00 -14.89
N TYR C 5 7.87 -22.05 -13.56
CA TYR C 5 7.65 -20.86 -12.70
C TYR C 5 8.85 -19.89 -12.75
N ASP C 6 10.05 -20.47 -12.87
CA ASP C 6 11.30 -19.73 -13.14
C ASP C 6 11.10 -18.65 -14.23
N ASP C 7 10.77 -19.11 -15.42
CA ASP C 7 10.60 -18.25 -16.60
C ASP C 7 9.45 -17.22 -16.46
N ASN C 8 8.60 -17.44 -15.46
CA ASN C 8 7.31 -16.77 -15.29
C ASN C 8 7.04 -16.18 -13.95
N ALA C 9 8.05 -16.13 -13.09
CA ALA C 9 7.76 -15.98 -11.66
C ALA C 9 7.02 -14.66 -11.41
N THR C 10 7.34 -13.62 -12.17
CA THR C 10 6.72 -12.31 -11.98
C THR C 10 5.22 -12.37 -12.19
N ASN C 11 4.80 -13.11 -13.19
CA ASN C 11 3.40 -13.11 -13.51
C ASN C 11 2.60 -14.00 -12.56
N VAL C 12 3.17 -15.14 -12.15
CA VAL C 12 2.53 -16.03 -11.16
C VAL C 12 2.34 -15.29 -9.80
N LYS C 13 3.38 -14.60 -9.36
CA LYS C 13 3.31 -13.81 -8.12
C LYS C 13 2.33 -12.68 -8.21
N ALA C 14 2.35 -12.02 -9.34
CA ALA C 14 1.41 -10.94 -9.61
C ALA C 14 -0.03 -11.49 -9.55
N MET C 15 -0.22 -12.65 -10.15
CA MET C 15 -1.56 -13.19 -10.29
C MET C 15 -2.05 -13.62 -8.89
N LYS C 16 -1.15 -14.19 -8.10
CA LYS C 16 -1.47 -14.52 -6.72
C LYS C 16 -1.95 -13.30 -5.94
N TYR C 17 -1.18 -12.24 -6.03
CA TYR C 17 -1.57 -10.98 -5.37
C TYR C 17 -2.96 -10.51 -5.87
N LEU C 18 -3.16 -10.52 -7.18
CA LEU C 18 -4.40 -10.00 -7.76
C LEU C 18 -5.64 -10.78 -7.34
N ILE C 19 -5.50 -12.10 -7.35
CA ILE C 19 -6.55 -12.98 -6.97
C ILE C 19 -6.94 -12.66 -5.54
N GLU C 20 -5.96 -12.58 -4.65
CA GLU C 20 -6.26 -12.34 -3.23
C GLU C 20 -6.76 -10.93 -2.98
N HIS C 21 -6.39 -10.01 -3.85
CA HIS C 21 -6.82 -8.63 -3.69
C HIS C 21 -8.28 -8.43 -4.16
N TYR C 22 -8.56 -8.90 -5.36
CA TYR C 22 -9.87 -8.69 -5.97
C TYR C 22 -10.97 -9.63 -5.44
N PHE C 23 -10.57 -10.77 -4.92
CA PHE C 23 -11.49 -11.75 -4.34
C PHE C 23 -11.16 -11.92 -2.86
N ASP C 24 -11.77 -11.04 -2.06
CA ASP C 24 -11.72 -11.10 -0.59
C ASP C 24 -11.92 -12.51 -0.07
N ASN C 25 -11.05 -12.93 0.84
CA ASN C 25 -11.16 -14.26 1.48
C ASN C 25 -10.75 -15.44 0.62
N PHE C 26 -10.32 -15.20 -0.59
CA PHE C 26 -9.69 -16.26 -1.34
C PHE C 26 -8.23 -16.36 -0.93
N LYS C 27 -7.81 -17.53 -0.48
CA LYS C 27 -6.39 -17.74 -0.18
C LYS C 27 -5.76 -18.63 -1.21
N VAL C 28 -4.65 -18.17 -1.76
CA VAL C 28 -3.89 -18.94 -2.73
C VAL C 28 -2.77 -19.72 -2.04
N ASP C 29 -2.96 -21.01 -1.90
CA ASP C 29 -1.90 -21.87 -1.40
C ASP C 29 -0.90 -22.26 -2.48
N SER C 30 -1.38 -22.48 -3.69
CA SER C 30 -0.52 -22.90 -4.80
C SER C 30 -1.03 -22.29 -6.11
N ILE C 31 -0.12 -22.07 -7.03
CA ILE C 31 -0.48 -21.46 -8.31
C ILE C 31 0.57 -21.76 -9.36
N GLU C 32 0.09 -22.29 -10.48
CA GLU C 32 0.92 -22.59 -11.64
C GLU C 32 0.14 -22.35 -12.93
N ILE C 33 0.90 -22.03 -13.97
CA ILE C 33 0.36 -21.82 -15.29
C ILE C 33 0.15 -23.18 -15.91
N ILE C 34 -1.06 -23.44 -16.36
CA ILE C 34 -1.36 -24.73 -16.98
C ILE C 34 -1.74 -24.62 -18.44
N GLY C 35 -1.94 -23.42 -18.92
CA GLY C 35 -2.18 -23.20 -20.33
C GLY C 35 -2.42 -21.76 -20.68
N SER C 36 -2.54 -21.49 -21.98
CA SER C 36 -2.70 -20.13 -22.46
C SER C 36 -3.30 -20.07 -23.86
N GLY C 37 -3.96 -18.96 -24.17
CA GLY C 37 -4.47 -18.70 -25.51
C GLY C 37 -3.68 -17.58 -26.11
N TYR C 38 -4.23 -16.93 -27.12
CA TYR C 38 -3.43 -15.93 -27.79
C TYR C 38 -2.89 -14.83 -26.82
N ASP C 39 -3.80 -14.34 -26.01
CA ASP C 39 -3.46 -13.26 -25.07
C ASP C 39 -4.00 -13.49 -23.65
N SER C 40 -4.34 -14.74 -23.38
CA SER C 40 -4.87 -15.15 -22.09
C SER C 40 -3.92 -16.12 -21.49
N VAL C 41 -3.87 -16.14 -20.18
CA VAL C 41 -3.13 -17.17 -19.48
C VAL C 41 -4.02 -17.80 -18.43
N ALA C 42 -3.97 -19.11 -18.36
CA ALA C 42 -4.75 -19.85 -17.41
C ALA C 42 -3.89 -20.44 -16.31
N TYR C 43 -4.27 -20.11 -15.09
CA TYR C 43 -3.57 -20.50 -13.87
C TYR C 43 -4.39 -21.53 -13.11
N LEU C 44 -3.73 -22.63 -12.72
CA LEU C 44 -4.28 -23.61 -11.83
C LEU C 44 -3.95 -23.21 -10.38
N VAL C 45 -4.98 -23.02 -9.60
CA VAL C 45 -4.84 -22.46 -8.24
C VAL C 45 -5.34 -23.48 -7.23
N ASN C 46 -4.54 -23.73 -6.21
CA ASN C 46 -4.88 -24.72 -5.14
C ASN C 46 -5.26 -26.07 -5.73
N ASN C 47 -4.77 -26.35 -6.92
CA ASN C 47 -5.06 -27.63 -7.58
C ASN C 47 -6.56 -27.93 -7.83
N GLU C 48 -7.32 -26.85 -7.94
CA GLU C 48 -8.76 -26.92 -7.88
C GLU C 48 -9.41 -25.92 -8.85
N TYR C 49 -8.89 -24.71 -8.86
CA TYR C 49 -9.50 -23.63 -9.63
C TYR C 49 -8.66 -23.25 -10.82
N ILE C 50 -9.34 -22.98 -11.93
CA ILE C 50 -8.77 -22.28 -13.05
C ILE C 50 -9.07 -20.81 -12.89
N PHE C 51 -8.03 -20.01 -13.05
CA PHE C 51 -8.21 -18.58 -13.15
C PHE C 51 -7.63 -18.16 -14.51
N LYS C 52 -8.53 -17.68 -15.36
CA LYS C 52 -8.28 -17.37 -16.77
C LYS C 52 -8.15 -15.87 -16.83
N THR C 53 -7.05 -15.36 -17.38
CA THR C 53 -6.80 -13.95 -17.23
C THR C 53 -6.25 -13.38 -18.51
N LYS C 54 -6.58 -12.13 -18.77
CA LYS C 54 -5.99 -11.40 -19.85
C LYS C 54 -5.74 -10.01 -19.29
N PHE C 55 -4.70 -9.36 -19.80
CA PHE C 55 -4.49 -7.95 -19.53
C PHE C 55 -5.26 -7.03 -20.53
N SER C 56 -4.70 -5.96 -21.08
CA SER C 56 -5.55 -5.08 -21.94
C SER C 56 -5.80 -5.80 -23.27
N LYS C 60 -12.60 -5.75 -24.85
CA LYS C 60 -12.70 -5.06 -23.53
C LYS C 60 -13.94 -5.43 -22.70
N LYS C 61 -15.00 -5.90 -23.36
CA LYS C 61 -16.16 -6.50 -22.67
C LYS C 61 -16.31 -8.01 -22.98
N GLY C 62 -15.18 -8.66 -23.26
CA GLY C 62 -15.18 -10.03 -23.78
C GLY C 62 -15.52 -11.06 -22.73
N TYR C 63 -14.87 -10.91 -21.59
CA TYR C 63 -15.13 -11.79 -20.41
C TYR C 63 -16.49 -11.55 -19.79
N ALA C 64 -17.00 -10.33 -19.96
CA ALA C 64 -18.38 -10.03 -19.57
C ALA C 64 -19.36 -10.95 -20.32
N LYS C 65 -19.25 -10.96 -21.63
CA LYS C 65 -20.09 -11.85 -22.46
C LYS C 65 -19.88 -13.32 -22.19
N GLU C 66 -18.62 -13.72 -22.06
CA GLU C 66 -18.30 -15.10 -21.82
C GLU C 66 -18.98 -15.57 -20.59
N LYS C 67 -18.94 -14.71 -19.57
CA LYS C 67 -19.54 -15.04 -18.27
C LYS C 67 -21.06 -15.12 -18.34
N ALA C 68 -21.66 -14.17 -19.03
CA ALA C 68 -23.11 -14.21 -19.25
C ALA C 68 -23.53 -15.54 -19.92
N ILE C 69 -22.67 -16.02 -20.81
CA ILE C 69 -22.93 -17.30 -21.49
C ILE C 69 -22.78 -18.54 -20.59
N TYR C 70 -21.70 -18.59 -19.80
CA TYR C 70 -21.57 -19.67 -18.83
C TYR C 70 -22.82 -19.67 -17.89
N ASN C 71 -23.25 -18.50 -17.45
CA ASN C 71 -24.36 -18.43 -16.53
C ASN C 71 -25.66 -18.99 -17.15
N PHE C 72 -25.93 -18.56 -18.37
CA PHE C 72 -27.05 -19.09 -19.12
C PHE C 72 -26.99 -20.61 -19.31
N LEU C 73 -25.81 -21.11 -19.63
CA LEU C 73 -25.69 -22.54 -19.94
C LEU C 73 -25.81 -23.40 -18.68
N ASN C 74 -25.21 -22.95 -17.59
CA ASN C 74 -25.24 -23.76 -16.37
C ASN C 74 -26.65 -23.79 -15.78
N THR C 75 -27.39 -22.72 -16.05
CA THR C 75 -28.79 -22.67 -15.70
C THR C 75 -29.65 -23.59 -16.58
N ASN C 76 -29.43 -23.61 -17.89
CA ASN C 76 -30.42 -24.20 -18.81
C ASN C 76 -30.02 -25.48 -19.50
N LEU C 77 -28.75 -25.84 -19.51
CA LEU C 77 -28.32 -27.10 -20.10
C LEU C 77 -28.58 -28.24 -19.17
N GLU C 78 -28.95 -29.38 -19.71
CA GLU C 78 -28.97 -30.58 -18.92
C GLU C 78 -28.05 -31.57 -19.60
N THR C 79 -26.86 -31.76 -19.04
CA THR C 79 -25.88 -32.63 -19.65
C THR C 79 -24.92 -33.08 -18.57
N ASN C 80 -24.35 -34.26 -18.75
CA ASN C 80 -23.23 -34.71 -17.93
C ASN C 80 -21.93 -34.02 -18.30
N VAL C 81 -21.88 -33.39 -19.47
CA VAL C 81 -20.65 -32.74 -19.92
C VAL C 81 -20.41 -31.49 -19.11
N LYS C 82 -19.23 -31.36 -18.56
CA LYS C 82 -18.96 -30.17 -17.75
C LYS C 82 -18.52 -28.98 -18.58
N ILE C 83 -18.89 -27.81 -18.11
CA ILE C 83 -18.41 -26.57 -18.65
C ILE C 83 -18.06 -25.63 -17.50
N PRO C 84 -17.30 -24.57 -17.81
CA PRO C 84 -16.96 -23.67 -16.73
C PRO C 84 -18.16 -23.09 -16.04
N ASN C 85 -18.12 -23.11 -14.71
CA ASN C 85 -19.10 -22.46 -13.90
C ASN C 85 -18.41 -21.35 -13.09
N ILE C 86 -18.74 -20.10 -13.43
CA ILE C 86 -18.04 -18.94 -12.92
C ILE C 86 -18.37 -18.64 -11.45
N GLU C 87 -17.35 -18.72 -10.62
CA GLU C 87 -17.49 -18.37 -9.20
C GLU C 87 -16.86 -17.06 -8.90
N TYR C 88 -15.87 -16.66 -9.69
CA TYR C 88 -15.16 -15.41 -9.44
C TYR C 88 -15.00 -14.65 -10.73
N SER C 89 -15.25 -13.34 -10.69
CA SER C 89 -14.97 -12.52 -11.86
C SER C 89 -14.55 -11.11 -11.52
N TYR C 90 -13.59 -10.62 -12.28
CA TYR C 90 -13.23 -9.21 -12.27
C TYR C 90 -12.99 -8.77 -13.71
N ILE C 91 -13.59 -7.66 -14.08
CA ILE C 91 -13.60 -7.25 -15.47
C ILE C 91 -13.27 -5.78 -15.56
N SER C 92 -12.20 -5.44 -16.25
CA SER C 92 -11.83 -4.04 -16.51
C SER C 92 -11.03 -3.89 -17.84
N ASP C 93 -10.85 -2.66 -18.25
CA ASP C 93 -10.10 -2.36 -19.49
C ASP C 93 -8.72 -2.99 -19.46
N GLU C 94 -8.09 -2.91 -18.30
CA GLU C 94 -6.69 -3.30 -18.15
C GLU C 94 -6.50 -4.76 -17.72
N LEU C 95 -7.56 -5.38 -17.21
CA LEU C 95 -7.45 -6.72 -16.65
C LEU C 95 -8.79 -7.40 -16.47
N SER C 96 -8.89 -8.63 -16.93
CA SER C 96 -10.08 -9.42 -16.68
C SER C 96 -9.72 -10.79 -16.20
N ILE C 97 -10.54 -11.29 -15.30
CA ILE C 97 -10.29 -12.59 -14.68
C ILE C 97 -11.62 -13.32 -14.51
N LEU C 98 -11.61 -14.58 -14.92
CA LEU C 98 -12.69 -15.48 -14.65
C LEU C 98 -12.11 -16.66 -13.90
N GLY C 99 -12.78 -17.02 -12.80
CA GLY C 99 -12.37 -18.12 -11.97
C GLY C 99 -13.48 -19.14 -11.83
N TYR C 100 -13.11 -20.38 -12.05
CA TYR C 100 -14.05 -21.49 -12.03
C TYR C 100 -13.30 -22.76 -11.69
N LYS C 101 -14.02 -23.78 -11.26
CA LYS C 101 -13.39 -25.03 -10.88
C LYS C 101 -12.86 -25.71 -12.09
N GLU C 102 -11.64 -26.22 -11.97
CA GLU C 102 -10.96 -26.87 -13.07
C GLU C 102 -11.85 -27.96 -13.61
N ILE C 103 -12.01 -28.00 -14.91
CA ILE C 103 -12.49 -29.16 -15.61
C ILE C 103 -11.32 -30.09 -15.90
N LYS C 104 -11.40 -31.27 -15.34
CA LYS C 104 -10.30 -32.22 -15.35
C LYS C 104 -10.39 -33.14 -16.55
N GLY C 105 -9.25 -33.54 -17.07
CA GLY C 105 -9.21 -34.45 -18.20
C GLY C 105 -8.06 -34.21 -19.12
N THR C 106 -8.14 -34.86 -20.27
CA THR C 106 -7.10 -34.81 -21.30
C THR C 106 -7.68 -34.25 -22.57
N PHE C 107 -6.94 -33.34 -23.18
CA PHE C 107 -7.41 -32.68 -24.39
C PHE C 107 -7.32 -33.60 -25.59
N LEU C 108 -8.41 -33.66 -26.33
CA LEU C 108 -8.51 -34.47 -27.56
C LEU C 108 -7.53 -34.00 -28.63
N THR C 109 -6.82 -34.95 -29.22
CA THR C 109 -5.86 -34.69 -30.31
C THR C 109 -5.99 -35.80 -31.33
N PRO C 110 -5.49 -35.58 -32.56
CA PRO C 110 -5.51 -36.63 -33.57
C PRO C 110 -4.75 -37.90 -33.13
N GLU C 111 -3.67 -37.73 -32.39
CA GLU C 111 -2.90 -38.88 -31.87
C GLU C 111 -3.75 -39.74 -30.96
N ILE C 112 -4.37 -39.09 -29.99
CA ILE C 112 -5.19 -39.81 -29.03
C ILE C 112 -6.41 -40.47 -29.73
N TYR C 113 -7.05 -39.74 -30.63
CA TYR C 113 -8.16 -40.32 -31.39
C TYR C 113 -7.76 -41.60 -32.09
N SER C 114 -6.58 -41.58 -32.70
CA SER C 114 -6.13 -42.72 -33.47
C SER C 114 -5.80 -43.95 -32.59
N THR C 115 -5.62 -43.76 -31.30
CA THR C 115 -5.45 -44.89 -30.39
C THR C 115 -6.77 -45.38 -29.79
N MET C 116 -7.87 -44.71 -30.13
CA MET C 116 -9.15 -45.11 -29.57
C MET C 116 -9.73 -46.25 -30.38
N SER C 117 -10.44 -47.15 -29.71
CA SER C 117 -11.12 -48.22 -30.42
C SER C 117 -12.26 -47.63 -31.23
N GLU C 118 -12.76 -48.41 -32.17
CA GLU C 118 -13.84 -47.93 -33.03
C GLU C 118 -15.05 -47.50 -32.18
N GLU C 119 -15.34 -48.32 -31.18
CA GLU C 119 -16.47 -48.09 -30.26
C GLU C 119 -16.26 -46.80 -29.48
N GLU C 120 -15.04 -46.61 -28.99
CA GLU C 120 -14.70 -45.35 -28.33
C GLU C 120 -14.91 -44.14 -29.26
N GLN C 121 -14.44 -44.27 -30.49
CA GLN C 121 -14.59 -43.19 -31.46
C GLN C 121 -16.05 -42.83 -31.72
N ASN C 122 -16.87 -43.86 -31.91
CA ASN C 122 -18.27 -43.65 -32.22
C ASN C 122 -18.96 -43.01 -31.06
N LEU C 123 -18.62 -43.44 -29.85
CA LEU C 123 -19.23 -42.86 -28.66
C LEU C 123 -18.86 -41.38 -28.54
N LEU C 124 -17.61 -41.07 -28.87
CA LEU C 124 -17.13 -39.69 -28.75
C LEU C 124 -17.87 -38.84 -29.74
N LYS C 125 -18.01 -39.37 -30.93
CA LYS C 125 -18.79 -38.66 -31.96
C LYS C 125 -20.23 -38.41 -31.52
N ARG C 126 -20.84 -39.46 -30.98
CA ARG C 126 -22.19 -39.38 -30.46
C ARG C 126 -22.26 -38.34 -29.35
N ASP C 127 -21.29 -38.37 -28.43
CA ASP C 127 -21.29 -37.42 -27.32
C ASP C 127 -21.26 -35.99 -27.86
N ILE C 128 -20.45 -35.77 -28.88
CA ILE C 128 -20.27 -34.43 -29.43
C ILE C 128 -21.55 -33.98 -30.18
N ALA C 129 -22.10 -34.86 -30.99
CA ALA C 129 -23.35 -34.56 -31.69
C ALA C 129 -24.48 -34.21 -30.72
N SER C 130 -24.55 -35.01 -29.68
CA SER C 130 -25.58 -34.87 -28.69
C SER C 130 -25.42 -33.56 -27.88
N PHE C 131 -24.22 -33.26 -27.45
CA PHE C 131 -24.00 -31.96 -26.81
C PHE C 131 -24.41 -30.74 -27.68
N LEU C 132 -23.91 -30.72 -28.89
CA LEU C 132 -24.24 -29.65 -29.82
C LEU C 132 -25.73 -29.55 -30.08
N ARG C 133 -26.36 -30.69 -30.25
CA ARG C 133 -27.82 -30.73 -30.48
CA ARG C 133 -27.80 -30.71 -30.47
C ARG C 133 -28.53 -30.04 -29.30
N GLN C 134 -28.14 -30.40 -28.08
CA GLN C 134 -28.74 -29.82 -26.92
C GLN C 134 -28.50 -28.32 -26.83
N MET C 135 -27.27 -27.87 -27.06
CA MET C 135 -26.97 -26.42 -26.97
C MET C 135 -27.71 -25.60 -28.03
N HIS C 136 -27.65 -26.11 -29.25
CA HIS C 136 -28.28 -25.41 -30.37
C HIS C 136 -29.79 -25.38 -30.24
N GLY C 137 -30.33 -26.33 -29.50
CA GLY C 137 -31.80 -26.41 -29.28
C GLY C 137 -32.37 -25.54 -28.14
N LEU C 138 -31.48 -24.88 -27.39
CA LEU C 138 -31.93 -23.99 -26.30
C LEU C 138 -32.62 -22.76 -26.81
N ASP C 139 -33.72 -22.42 -26.16
CA ASP C 139 -34.43 -21.16 -26.36
C ASP C 139 -33.50 -20.05 -25.84
N TYR C 140 -33.07 -19.16 -26.72
CA TYR C 140 -32.01 -18.23 -26.31
C TYR C 140 -32.54 -16.85 -25.90
N THR C 141 -33.82 -16.78 -25.56
CA THR C 141 -34.48 -15.49 -25.28
C THR C 141 -33.79 -14.70 -24.18
N ASP C 142 -33.35 -15.42 -23.17
CA ASP C 142 -32.68 -14.78 -22.03
C ASP C 142 -31.30 -14.11 -22.33
N ILE C 143 -30.65 -14.51 -23.42
CA ILE C 143 -29.36 -13.90 -23.83
C ILE C 143 -29.49 -13.37 -25.26
N SER C 144 -30.68 -12.90 -25.58
CA SER C 144 -31.02 -12.51 -26.95
C SER C 144 -30.11 -11.40 -27.50
N GLU C 145 -29.40 -10.73 -26.61
CA GLU C 145 -28.55 -9.60 -26.98
C GLU C 145 -27.21 -10.10 -27.49
N CYS C 146 -26.87 -11.35 -27.20
CA CYS C 146 -25.56 -11.91 -27.56
C CYS C 146 -25.54 -12.46 -28.99
N THR C 147 -26.03 -11.68 -29.94
CA THR C 147 -26.03 -12.08 -31.33
C THR C 147 -24.68 -11.78 -31.96
N ILE C 148 -24.30 -12.59 -32.95
CA ILE C 148 -23.12 -12.33 -33.73
C ILE C 148 -23.54 -12.45 -35.19
N ASP C 149 -23.27 -11.42 -35.97
CA ASP C 149 -23.62 -11.42 -37.38
C ASP C 149 -22.29 -11.41 -38.12
N ASN C 150 -21.89 -12.57 -38.59
CA ASN C 150 -20.61 -12.72 -39.27
C ASN C 150 -20.55 -11.93 -40.56
N LYS C 151 -21.67 -11.86 -41.26
CA LYS C 151 -21.65 -11.19 -42.56
C LYS C 151 -21.48 -9.71 -42.35
N GLN C 152 -22.25 -9.18 -41.43
CA GLN C 152 -22.21 -7.74 -41.13
C GLN C 152 -20.81 -7.34 -40.64
N ASN C 153 -20.20 -8.19 -39.83
CA ASN C 153 -18.88 -7.89 -39.31
C ASN C 153 -17.85 -7.79 -40.43
N VAL C 154 -17.91 -8.71 -41.38
CA VAL C 154 -17.04 -8.66 -42.51
C VAL C 154 -17.26 -7.42 -43.33
N LEU C 155 -18.49 -7.09 -43.58
CA LEU C 155 -18.78 -5.86 -44.30
C LEU C 155 -18.11 -4.63 -43.63
N GLU C 156 -18.21 -4.57 -42.31
CA GLU C 156 -17.61 -3.44 -41.58
C GLU C 156 -16.08 -3.46 -41.66
N GLU C 157 -15.55 -4.68 -41.62
CA GLU C 157 -14.11 -4.85 -41.65
C GLU C 157 -13.58 -4.45 -43.01
N TYR C 158 -14.37 -4.76 -44.03
CA TYR C 158 -13.99 -4.39 -45.41
C TYR C 158 -13.93 -2.86 -45.53
N ILE C 159 -14.93 -2.19 -45.01
CA ILE C 159 -14.90 -0.74 -45.00
C ILE C 159 -13.63 -0.25 -44.30
N LEU C 160 -13.30 -0.87 -43.17
CA LEU C 160 -12.09 -0.49 -42.44
C LEU C 160 -10.84 -0.57 -43.31
N LEU C 161 -10.72 -1.67 -44.04
CA LEU C 161 -9.65 -1.84 -45.02
C LEU C 161 -9.62 -0.73 -46.02
N ARG C 162 -10.78 -0.45 -46.63
CA ARG C 162 -10.85 0.58 -47.65
C ARG C 162 -10.42 1.93 -47.08
N GLU C 163 -10.68 2.13 -45.80
CA GLU C 163 -10.33 3.37 -45.15
C GLU C 163 -8.88 3.45 -44.69
N THR C 164 -8.18 2.33 -44.63
CA THR C 164 -6.83 2.32 -44.10
C THR C 164 -5.84 1.92 -45.17
N ILE C 165 -5.59 0.64 -45.30
CA ILE C 165 -4.47 0.20 -46.11
C ILE C 165 -4.78 -0.28 -47.50
N TYR C 166 -6.05 -0.45 -47.84
CA TYR C 166 -6.41 -1.02 -49.14
C TYR C 166 -5.55 -0.47 -50.28
N ASN C 167 -5.42 0.84 -50.36
CA ASN C 167 -4.73 1.50 -51.48
C ASN C 167 -3.22 1.22 -51.56
N ASP C 168 -2.61 0.83 -50.44
CA ASP C 168 -1.23 0.36 -50.44
C ASP C 168 -1.05 -1.13 -50.76
N LEU C 169 -2.13 -1.85 -51.01
CA LEU C 169 -2.02 -3.28 -51.27
C LEU C 169 -1.63 -3.54 -52.70
N THR C 170 -1.08 -4.71 -52.97
CA THR C 170 -0.83 -5.14 -54.34
C THR C 170 -2.10 -5.60 -55.05
N ASP C 171 -2.02 -5.70 -56.37
CA ASP C 171 -3.19 -6.11 -57.17
C ASP C 171 -3.65 -7.49 -56.76
N ILE C 172 -2.68 -8.38 -56.58
CA ILE C 172 -2.98 -9.76 -56.17
C ILE C 172 -3.74 -9.74 -54.84
N GLU C 173 -3.30 -8.88 -53.92
CA GLU C 173 -3.92 -8.84 -52.61
C GLU C 173 -5.34 -8.29 -52.77
N LYS C 174 -5.45 -7.21 -53.50
CA LYS C 174 -6.76 -6.59 -53.76
C LYS C 174 -7.72 -7.53 -54.44
N ASP C 175 -7.24 -8.27 -55.44
CA ASP C 175 -8.10 -9.22 -56.10
C ASP C 175 -8.61 -10.30 -55.16
N TYR C 176 -7.76 -10.76 -54.26
CA TYR C 176 -8.13 -11.79 -53.34
C TYR C 176 -9.30 -11.29 -52.51
N ILE C 177 -9.17 -10.05 -52.03
CA ILE C 177 -10.18 -9.45 -51.17
C ILE C 177 -11.50 -9.20 -51.89
N GLU C 178 -11.44 -8.64 -53.09
CA GLU C 178 -12.66 -8.32 -53.84
C GLU C 178 -13.41 -9.61 -54.22
N SER C 179 -12.62 -10.61 -54.55
CA SER C 179 -13.17 -11.87 -54.93
C SER C 179 -13.92 -12.50 -53.73
N PHE C 180 -13.31 -12.41 -52.54
CA PHE C 180 -13.96 -12.84 -51.31
C PHE C 180 -15.27 -12.07 -51.09
N MET C 181 -15.20 -10.75 -51.17
CA MET C 181 -16.39 -9.95 -50.90
C MET C 181 -17.52 -10.32 -51.85
N GLU C 182 -17.18 -10.65 -53.06
CA GLU C 182 -18.20 -11.03 -54.03
C GLU C 182 -18.91 -12.34 -53.63
N ARG C 183 -18.10 -13.28 -53.18
CA ARG C 183 -18.59 -14.55 -52.76
C ARG C 183 -19.48 -14.37 -51.53
N LEU C 184 -19.05 -13.53 -50.60
CA LEU C 184 -19.78 -13.27 -49.38
C LEU C 184 -21.12 -12.61 -49.64
N ASN C 185 -21.17 -11.75 -50.63
CA ASN C 185 -22.42 -11.12 -50.99
C ASN C 185 -23.37 -12.11 -51.73
N ALA C 186 -22.82 -13.15 -52.37
CA ALA C 186 -23.63 -14.15 -53.09
C ALA C 186 -24.11 -15.32 -52.23
N THR C 187 -23.36 -15.68 -51.21
CA THR C 187 -23.63 -16.94 -50.55
C THR C 187 -24.98 -16.90 -49.84
N THR C 188 -25.59 -18.06 -49.70
CA THR C 188 -26.79 -18.17 -48.90
C THR C 188 -26.55 -18.81 -47.55
N VAL C 189 -25.30 -19.09 -47.18
CA VAL C 189 -25.04 -19.90 -45.99
C VAL C 189 -25.33 -19.20 -44.68
N PHE C 190 -25.61 -17.90 -44.73
CA PHE C 190 -26.08 -17.13 -43.53
C PHE C 190 -27.59 -17.06 -43.34
N GLU C 191 -28.33 -17.71 -44.19
CA GLU C 191 -29.81 -17.57 -44.19
C GLU C 191 -30.48 -18.74 -43.51
N GLY C 192 -29.73 -19.47 -42.75
CA GLY C 192 -30.21 -20.72 -42.14
C GLY C 192 -30.48 -20.52 -40.66
N LYS C 193 -30.54 -21.62 -39.94
CA LYS C 193 -30.92 -21.57 -38.56
C LYS C 193 -29.87 -20.80 -37.78
N LYS C 194 -30.34 -19.90 -36.93
CA LYS C 194 -29.49 -19.21 -35.96
C LYS C 194 -29.69 -19.80 -34.58
N CYS C 195 -28.62 -19.97 -33.82
CA CYS C 195 -28.77 -20.51 -32.48
C CYS C 195 -27.56 -20.21 -31.65
N LEU C 196 -27.60 -20.56 -30.39
CA LEU C 196 -26.45 -20.41 -29.54
C LEU C 196 -25.38 -21.44 -29.90
N CYS C 197 -24.20 -20.95 -30.26
CA CYS C 197 -23.08 -21.82 -30.65
C CYS C 197 -21.87 -21.54 -29.79
N HIS C 198 -21.05 -22.56 -29.63
CA HIS C 198 -19.78 -22.40 -28.97
C HIS C 198 -18.86 -21.45 -29.75
N ASN C 199 -18.84 -21.65 -31.06
CA ASN C 199 -18.19 -20.79 -32.01
C ASN C 199 -16.65 -20.76 -31.98
N ASP C 200 -16.05 -21.74 -31.32
CA ASP C 200 -14.61 -21.99 -31.37
C ASP C 200 -14.38 -23.47 -31.06
N PHE C 201 -15.13 -24.32 -31.75
CA PHE C 201 -15.34 -25.68 -31.33
C PHE C 201 -14.32 -26.62 -31.95
N SER C 202 -13.10 -26.53 -31.43
CA SER C 202 -12.02 -27.30 -31.96
C SER C 202 -11.59 -28.28 -30.92
N CYS C 203 -10.79 -29.24 -31.33
CA CYS C 203 -10.53 -30.34 -30.45
C CYS C 203 -9.65 -29.94 -29.25
N ASN C 204 -8.96 -28.82 -29.36
CA ASN C 204 -8.19 -28.34 -28.18
C ASN C 204 -9.06 -27.71 -27.06
N HIS C 205 -10.37 -27.69 -27.27
CA HIS C 205 -11.28 -27.32 -26.20
C HIS C 205 -12.13 -28.47 -25.70
N LEU C 206 -11.84 -29.68 -26.19
CA LEU C 206 -12.60 -30.87 -25.80
C LEU C 206 -11.81 -31.76 -24.91
N LEU C 207 -12.34 -32.01 -23.71
CA LEU C 207 -11.67 -32.82 -22.71
C LEU C 207 -12.28 -34.22 -22.63
N LEU C 208 -11.38 -35.20 -22.51
CA LEU C 208 -11.70 -36.61 -22.36
C LEU C 208 -11.39 -37.09 -20.93
N ASP C 209 -12.25 -37.96 -20.42
CA ASP C 209 -11.96 -38.60 -19.13
C ASP C 209 -11.02 -39.79 -19.42
N GLY C 210 -10.65 -40.51 -18.36
CA GLY C 210 -9.79 -41.69 -18.44
C GLY C 210 -10.38 -42.86 -19.21
N ASN C 211 -11.64 -42.75 -19.62
CA ASN C 211 -12.30 -43.73 -20.48
C ASN C 211 -12.51 -43.22 -21.90
N ASN C 212 -11.84 -42.13 -22.23
CA ASN C 212 -11.97 -41.47 -23.56
C ASN C 212 -13.36 -41.02 -23.93
N ARG C 213 -14.13 -40.70 -22.93
CA ARG C 213 -15.44 -40.13 -23.19
C ARG C 213 -15.32 -38.65 -23.02
N LEU C 214 -16.14 -37.94 -23.76
CA LEU C 214 -16.19 -36.51 -23.65
C LEU C 214 -16.63 -36.17 -22.23
N THR C 215 -15.79 -35.47 -21.51
CA THR C 215 -16.12 -35.09 -20.15
C THR C 215 -16.31 -33.58 -19.93
N GLY C 216 -15.72 -32.78 -20.80
CA GLY C 216 -15.76 -31.35 -20.61
C GLY C 216 -15.53 -30.58 -21.89
N ILE C 217 -16.03 -29.34 -21.88
CA ILE C 217 -15.82 -28.39 -22.93
C ILE C 217 -15.50 -27.02 -22.34
N ILE C 218 -14.41 -26.40 -22.82
CA ILE C 218 -13.99 -25.11 -22.35
C ILE C 218 -14.05 -24.03 -23.42
N ASP C 219 -13.75 -22.81 -22.99
CA ASP C 219 -13.58 -21.63 -23.88
C ASP C 219 -14.80 -21.28 -24.69
N PHE C 220 -15.84 -20.81 -24.02
CA PHE C 220 -17.06 -20.31 -24.73
C PHE C 220 -16.86 -18.82 -24.92
N GLY C 221 -15.61 -18.41 -24.92
CA GLY C 221 -15.24 -17.00 -25.09
C GLY C 221 -15.73 -16.33 -26.37
N ASP C 222 -15.99 -17.09 -27.41
CA ASP C 222 -16.51 -16.50 -28.65
C ASP C 222 -17.98 -16.89 -28.93
N SER C 223 -18.68 -17.46 -27.93
CA SER C 223 -20.02 -17.93 -28.17
C SER C 223 -21.01 -16.84 -28.36
N GLY C 224 -22.09 -17.19 -29.03
CA GLY C 224 -23.22 -16.30 -29.19
C GLY C 224 -24.23 -16.88 -30.11
N ILE C 225 -25.19 -16.05 -30.47
CA ILE C 225 -26.29 -16.46 -31.31
C ILE C 225 -25.84 -16.19 -32.73
N ILE C 226 -25.72 -17.26 -33.49
CA ILE C 226 -24.99 -17.25 -34.75
C ILE C 226 -25.43 -18.40 -35.62
N ASP C 227 -24.95 -18.53 -36.84
CA ASP C 227 -25.35 -19.65 -37.71
C ASP C 227 -24.99 -20.99 -37.10
N GLU C 228 -25.95 -21.89 -37.12
CA GLU C 228 -25.79 -23.28 -36.68
C GLU C 228 -24.52 -23.94 -37.27
N TYR C 229 -24.24 -23.64 -38.55
CA TYR C 229 -23.06 -24.18 -39.24
C TYR C 229 -21.71 -23.90 -38.55
N CYS C 230 -21.66 -22.82 -37.76
CA CYS C 230 -20.42 -22.38 -37.09
C CYS C 230 -19.75 -23.46 -36.28
N ASP C 231 -20.53 -24.27 -35.58
CA ASP C 231 -19.93 -25.21 -34.67
C ASP C 231 -19.38 -26.45 -35.33
N PHE C 232 -19.42 -26.49 -36.66
CA PHE C 232 -18.85 -27.63 -37.41
C PHE C 232 -17.60 -27.28 -38.20
N ILE C 233 -17.19 -26.02 -38.13
CA ILE C 233 -16.12 -25.54 -38.99
C ILE C 233 -14.80 -26.24 -38.72
N TYR C 234 -14.49 -26.51 -37.45
CA TYR C 234 -13.23 -27.19 -37.09
C TYR C 234 -13.33 -28.71 -37.17
N LEU C 235 -14.51 -29.24 -36.87
CA LEU C 235 -14.80 -30.68 -36.97
C LEU C 235 -14.65 -31.11 -38.37
N LEU C 236 -14.98 -30.22 -39.30
CA LEU C 236 -14.82 -30.49 -40.73
C LEU C 236 -13.43 -30.21 -41.27
N GLU C 237 -12.57 -29.63 -40.45
CA GLU C 237 -11.26 -29.18 -40.94
C GLU C 237 -10.29 -30.34 -41.16
N ASP C 238 -9.62 -30.27 -42.30
CA ASP C 238 -8.58 -31.23 -42.68
C ASP C 238 -7.21 -30.58 -42.46
N SER C 239 -6.66 -30.81 -41.28
CA SER C 239 -5.42 -30.20 -40.85
C SER C 239 -4.75 -31.09 -39.83
N GLU C 240 -3.51 -30.74 -39.51
CA GLU C 240 -2.73 -31.49 -38.53
C GLU C 240 -3.27 -31.34 -37.11
N GLU C 241 -3.98 -30.25 -36.83
CA GLU C 241 -4.46 -29.94 -35.46
C GLU C 241 -5.80 -30.62 -35.17
N GLU C 242 -6.60 -30.75 -36.21
CA GLU C 242 -7.93 -31.34 -36.07
C GLU C 242 -7.89 -32.81 -36.56
N ILE C 243 -8.94 -33.54 -36.25
CA ILE C 243 -9.02 -34.97 -36.52
C ILE C 243 -9.27 -35.35 -37.97
N GLY C 244 -10.12 -34.58 -38.63
CA GLY C 244 -10.34 -34.74 -40.07
C GLY C 244 -11.79 -34.58 -40.47
N THR C 245 -11.98 -34.29 -41.74
CA THR C 245 -13.29 -34.08 -42.33
C THR C 245 -14.29 -35.21 -42.05
N ASN C 246 -13.84 -36.47 -42.12
CA ASN C 246 -14.73 -37.63 -41.93
CA ASN C 246 -14.70 -37.64 -41.89
C ASN C 246 -15.32 -37.65 -40.50
N PHE C 247 -14.53 -37.20 -39.56
CA PHE C 247 -14.90 -37.05 -38.19
C PHE C 247 -16.05 -36.04 -38.12
N GLY C 248 -15.87 -34.90 -38.75
CA GLY C 248 -16.96 -33.91 -38.80
C GLY C 248 -18.20 -34.38 -39.54
N GLU C 249 -17.97 -35.07 -40.64
CA GLU C 249 -19.07 -35.60 -41.43
C GLU C 249 -19.94 -36.56 -40.62
N ASP C 250 -19.29 -37.49 -39.94
CA ASP C 250 -19.97 -38.50 -39.16
C ASP C 250 -20.76 -37.82 -38.05
N ILE C 251 -20.17 -36.82 -37.46
CA ILE C 251 -20.81 -36.07 -36.43
C ILE C 251 -22.00 -35.34 -36.99
N LEU C 252 -21.89 -34.77 -38.18
CA LEU C 252 -23.03 -34.08 -38.78
C LEU C 252 -24.17 -35.04 -39.03
N ARG C 253 -23.83 -36.26 -39.41
CA ARG C 253 -24.88 -37.26 -39.68
C ARG C 253 -25.58 -37.64 -38.38
N MET C 254 -24.79 -37.86 -37.33
CA MET C 254 -25.36 -38.15 -36.03
C MET C 254 -26.19 -36.99 -35.51
N TYR C 255 -25.74 -35.77 -35.76
CA TYR C 255 -26.45 -34.56 -35.32
C TYR C 255 -27.78 -34.47 -36.03
N GLY C 256 -27.76 -34.75 -37.33
CA GLY C 256 -28.94 -34.78 -38.15
C GLY C 256 -29.48 -33.42 -38.59
N ASN C 257 -30.25 -33.49 -39.64
CA ASN C 257 -31.07 -32.37 -40.16
C ASN C 257 -30.26 -31.17 -40.53
N ILE C 258 -29.15 -31.40 -41.16
CA ILE C 258 -28.28 -30.28 -41.51
C ILE C 258 -27.61 -30.60 -42.82
N ASP C 259 -27.65 -29.64 -43.71
CA ASP C 259 -27.11 -29.82 -45.06
C ASP C 259 -25.56 -29.79 -44.95
N ILE C 260 -24.96 -30.93 -45.14
CA ILE C 260 -23.54 -31.09 -44.94
C ILE C 260 -22.71 -30.27 -45.95
N GLU C 261 -23.13 -30.29 -47.21
CA GLU C 261 -22.43 -29.53 -48.23
C GLU C 261 -22.41 -28.05 -47.89
N LYS C 262 -23.51 -27.56 -47.30
CA LYS C 262 -23.58 -26.14 -46.88
C LYS C 262 -22.73 -25.88 -45.66
N ALA C 263 -22.67 -26.84 -44.76
CA ALA C 263 -21.76 -26.69 -43.64
C ALA C 263 -20.32 -26.57 -44.21
N LYS C 264 -19.99 -27.39 -45.18
CA LYS C 264 -18.66 -27.32 -45.78
C LYS C 264 -18.44 -26.00 -46.53
N GLU C 265 -19.45 -25.50 -47.24
CA GLU C 265 -19.37 -24.21 -47.92
C GLU C 265 -19.11 -23.10 -46.89
N TYR C 266 -19.77 -23.19 -45.74
CA TYR C 266 -19.50 -22.27 -44.62
C TYR C 266 -18.05 -22.33 -44.16
N GLN C 267 -17.56 -23.54 -43.95
CA GLN C 267 -16.20 -23.73 -43.49
C GLN C 267 -15.27 -23.13 -44.53
N ASP C 268 -15.55 -23.38 -45.79
CA ASP C 268 -14.66 -22.92 -46.85
C ASP C 268 -14.59 -21.36 -46.90
N ILE C 269 -15.72 -20.73 -46.69
CA ILE C 269 -15.79 -19.28 -46.69
C ILE C 269 -15.05 -18.68 -45.53
N VAL C 270 -15.24 -19.27 -44.36
CA VAL C 270 -14.47 -18.83 -43.19
C VAL C 270 -12.99 -18.98 -43.45
N GLU C 271 -12.58 -20.11 -44.02
CA GLU C 271 -11.19 -20.37 -44.30
C GLU C 271 -10.67 -19.34 -45.29
N GLU C 272 -11.44 -19.02 -46.34
CA GLU C 272 -11.01 -18.07 -47.34
C GLU C 272 -10.81 -16.71 -46.72
N TYR C 273 -11.61 -16.37 -45.74
CA TYR C 273 -11.52 -15.06 -45.07
C TYR C 273 -10.32 -14.91 -44.12
N TYR C 274 -9.79 -16.02 -43.66
CA TYR C 274 -8.80 -15.97 -42.61
C TYR C 274 -7.64 -14.98 -42.80
N PRO C 275 -7.05 -14.92 -44.01
CA PRO C 275 -5.95 -14.00 -44.21
C PRO C 275 -6.39 -12.57 -44.10
N ILE C 276 -7.63 -12.30 -44.47
CA ILE C 276 -8.18 -10.95 -44.40
C ILE C 276 -8.46 -10.63 -42.93
N GLU C 277 -9.05 -11.57 -42.22
CA GLU C 277 -9.28 -11.45 -40.79
C GLU C 277 -7.99 -11.10 -40.07
N THR C 278 -6.92 -11.76 -40.50
CA THR C 278 -5.61 -11.62 -39.87
C THR C 278 -5.13 -10.20 -40.08
N ILE C 279 -5.26 -9.73 -41.31
CA ILE C 279 -4.87 -8.37 -41.65
C ILE C 279 -5.69 -7.39 -40.83
N VAL C 280 -6.98 -7.65 -40.74
CA VAL C 280 -7.80 -6.72 -39.99
C VAL C 280 -7.40 -6.61 -38.52
N TYR C 281 -7.12 -7.76 -37.93
CA TYR C 281 -6.70 -7.81 -36.54
C TYR C 281 -5.45 -6.95 -36.38
N GLY C 282 -4.58 -7.07 -37.37
CA GLY C 282 -3.34 -6.33 -37.41
C GLY C 282 -3.55 -4.83 -37.40
N ILE C 283 -4.51 -4.40 -38.19
CA ILE C 283 -4.85 -2.99 -38.26
C ILE C 283 -5.45 -2.49 -36.96
N LYS C 284 -6.47 -3.18 -36.51
CA LYS C 284 -7.20 -2.75 -35.33
C LYS C 284 -6.32 -2.69 -34.09
N ASN C 285 -5.40 -3.63 -33.98
CA ASN C 285 -4.53 -3.72 -32.81
C ASN C 285 -3.11 -3.17 -33.04
N ILE C 286 -2.90 -2.52 -34.18
CA ILE C 286 -1.61 -1.93 -34.57
C ILE C 286 -0.48 -2.94 -34.38
N LYS C 287 -0.64 -4.08 -35.04
CA LYS C 287 0.37 -5.14 -35.02
C LYS C 287 0.74 -5.51 -36.43
N GLN C 288 1.81 -4.91 -36.90
CA GLN C 288 2.31 -5.09 -38.24
C GLN C 288 2.56 -6.56 -38.59
N GLU C 289 3.02 -7.36 -37.61
CA GLU C 289 3.34 -8.77 -37.88
C GLU C 289 2.10 -9.49 -38.45
N PHE C 290 0.93 -9.13 -37.95
CA PHE C 290 -0.32 -9.75 -38.41
C PHE C 290 -0.74 -9.30 -39.80
N ILE C 291 -0.54 -8.03 -40.09
CA ILE C 291 -0.79 -7.53 -41.43
C ILE C 291 0.16 -8.28 -42.42
N GLU C 292 1.41 -8.43 -42.04
CA GLU C 292 2.40 -9.07 -42.90
C GLU C 292 1.98 -10.54 -43.09
N ASN C 293 1.62 -11.23 -42.01
CA ASN C 293 1.29 -12.66 -42.13
C ASN C 293 0.07 -12.91 -42.98
N GLY C 294 -0.92 -12.06 -42.83
CA GLY C 294 -2.11 -12.17 -43.67
C GLY C 294 -1.85 -11.95 -45.15
N ARG C 295 -1.05 -10.94 -45.46
CA ARG C 295 -0.73 -10.66 -46.86
C ARG C 295 0.02 -11.81 -47.48
N LYS C 296 0.99 -12.33 -46.74
CA LYS C 296 1.79 -13.46 -47.23
C LYS C 296 0.91 -14.64 -47.53
N GLU C 297 -0.05 -14.86 -46.65
CA GLU C 297 -0.94 -16.00 -46.71
C GLU C 297 -1.85 -15.90 -47.94
N ILE C 298 -2.18 -14.69 -48.32
CA ILE C 298 -2.90 -14.46 -49.57
C ILE C 298 -2.11 -15.00 -50.77
N TYR C 299 -0.83 -14.63 -50.83
CA TYR C 299 0.08 -15.11 -51.93
C TYR C 299 0.17 -16.64 -51.91
N LYS C 300 0.26 -17.24 -50.72
CA LYS C 300 0.36 -18.71 -50.66
C LYS C 300 -0.90 -19.41 -51.20
N ARG C 301 -2.04 -18.88 -50.84
CA ARG C 301 -3.28 -19.43 -51.32
C ARG C 301 -3.49 -19.16 -52.82
N THR C 302 -3.11 -17.97 -53.29
CA THR C 302 -3.22 -17.62 -54.72
C THR C 302 -2.41 -18.59 -55.56
N TYR C 303 -1.27 -19.03 -55.06
CA TYR C 303 -0.40 -19.92 -55.82
C TYR C 303 -0.62 -21.42 -55.61
N LYS C 304 -1.40 -21.81 -54.61
CA LYS C 304 -1.75 -23.23 -54.36
C LYS C 304 -2.69 -23.68 -55.44
N ARG D 4 2.84 -19.41 -30.39
CA ARG D 4 3.93 -19.37 -29.35
C ARG D 4 3.54 -18.52 -28.11
N TYR D 5 3.39 -19.20 -26.97
CA TYR D 5 3.34 -18.55 -25.66
C TYR D 5 4.66 -17.80 -25.32
N ASP D 6 4.54 -16.49 -25.10
CA ASP D 6 5.63 -15.60 -24.74
C ASP D 6 5.58 -15.20 -23.24
N ASP D 7 6.33 -15.93 -22.41
CA ASP D 7 6.44 -15.66 -20.94
C ASP D 7 7.00 -14.27 -20.60
N ASN D 8 7.92 -13.81 -21.43
CA ASN D 8 8.41 -12.47 -21.32
C ASN D 8 7.31 -11.43 -21.54
N ALA D 9 6.51 -11.58 -22.60
CA ALA D 9 5.43 -10.59 -22.83
C ALA D 9 4.49 -10.60 -21.61
N THR D 10 4.29 -11.77 -21.00
CA THR D 10 3.38 -11.90 -19.90
C THR D 10 3.90 -11.24 -18.61
N ASN D 11 5.18 -11.46 -18.29
CA ASN D 11 5.76 -10.89 -17.09
C ASN D 11 5.69 -9.38 -17.17
N VAL D 12 5.89 -8.91 -18.37
CA VAL D 12 5.94 -7.51 -18.66
C VAL D 12 4.57 -6.86 -18.48
N LYS D 13 3.54 -7.51 -19.02
CA LYS D 13 2.15 -7.00 -18.90
C LYS D 13 1.71 -7.01 -17.45
N ALA D 14 2.07 -8.07 -16.74
CA ALA D 14 1.81 -8.19 -15.28
C ALA D 14 2.51 -7.08 -14.49
N MET D 15 3.73 -6.80 -14.88
CA MET D 15 4.53 -5.81 -14.16
C MET D 15 4.00 -4.39 -14.47
N LYS D 16 3.63 -4.17 -15.73
CA LYS D 16 2.95 -2.91 -16.07
C LYS D 16 1.73 -2.69 -15.17
N TYR D 17 0.90 -3.72 -15.06
CA TYR D 17 -0.34 -3.60 -14.31
C TYR D 17 -0.07 -3.25 -12.85
N LEU D 18 0.89 -3.95 -12.28
CA LEU D 18 1.21 -3.76 -10.87
C LEU D 18 1.74 -2.34 -10.59
N ILE D 19 2.60 -1.88 -11.47
CA ILE D 19 3.18 -0.58 -11.31
C ILE D 19 2.05 0.46 -11.31
N GLU D 20 1.18 0.40 -12.30
CA GLU D 20 0.10 1.40 -12.37
C GLU D 20 -0.93 1.23 -11.25
N HIS D 21 -1.04 0.02 -10.72
CA HIS D 21 -2.00 -0.29 -9.63
C HIS D 21 -1.47 0.21 -8.30
N TYR D 22 -0.21 -0.11 -8.00
CA TYR D 22 0.39 0.27 -6.72
C TYR D 22 0.75 1.77 -6.61
N PHE D 23 1.09 2.38 -7.74
CA PHE D 23 1.63 3.75 -7.79
C PHE D 23 0.70 4.59 -8.64
N ASP D 24 -0.29 5.12 -7.95
CA ASP D 24 -1.28 6.04 -8.53
C ASP D 24 -0.63 7.11 -9.36
N ASN D 25 -1.15 7.30 -10.56
CA ASN D 25 -0.68 8.36 -11.45
C ASN D 25 0.64 8.08 -12.14
N PHE D 26 1.21 6.91 -11.92
CA PHE D 26 2.34 6.49 -12.74
C PHE D 26 1.79 5.86 -14.01
N LYS D 27 2.19 6.40 -15.16
CA LYS D 27 1.79 5.81 -16.44
C LYS D 27 2.96 5.14 -17.11
N VAL D 28 2.76 3.91 -17.50
CA VAL D 28 3.78 3.14 -18.14
C VAL D 28 3.60 3.23 -19.64
N ASP D 29 4.46 3.99 -20.30
CA ASP D 29 4.42 4.07 -21.75
C ASP D 29 5.20 2.94 -22.38
N SER D 30 6.27 2.54 -21.75
CA SER D 30 7.11 1.45 -22.27
C SER D 30 7.71 0.65 -21.12
N ILE D 31 7.96 -0.62 -21.39
CA ILE D 31 8.50 -1.49 -20.37
C ILE D 31 9.17 -2.68 -21.00
N GLU D 32 10.40 -2.93 -20.61
CA GLU D 32 11.15 -4.11 -21.03
C GLU D 32 11.94 -4.65 -19.84
N ILE D 33 12.18 -5.95 -19.86
CA ILE D 33 13.16 -6.59 -18.98
C ILE D 33 14.60 -6.23 -19.42
N ILE D 34 15.38 -5.66 -18.53
CA ILE D 34 16.75 -5.33 -18.87
C ILE D 34 17.79 -6.17 -18.12
N GLY D 35 17.34 -6.91 -17.12
CA GLY D 35 18.23 -7.84 -16.44
C GLY D 35 17.55 -8.57 -15.31
N SER D 36 18.27 -9.55 -14.80
CA SER D 36 17.83 -10.24 -13.59
C SER D 36 19.02 -10.83 -12.86
N GLY D 37 18.87 -10.96 -11.56
CA GLY D 37 19.84 -11.66 -10.74
C GLY D 37 19.25 -12.93 -10.17
N TYR D 38 19.86 -13.42 -9.09
CA TYR D 38 19.34 -14.51 -8.28
C TYR D 38 18.22 -14.12 -7.34
N ASP D 39 17.94 -12.82 -7.20
CA ASP D 39 16.89 -12.34 -6.33
C ASP D 39 15.76 -11.64 -7.05
N SER D 40 16.06 -10.90 -8.12
CA SER D 40 15.09 -10.00 -8.70
C SER D 40 15.13 -10.01 -10.21
N VAL D 41 14.05 -9.46 -10.77
CA VAL D 41 13.96 -9.18 -12.18
C VAL D 41 13.79 -7.70 -12.29
N ALA D 42 14.56 -7.11 -13.16
CA ALA D 42 14.59 -5.66 -13.36
C ALA D 42 14.04 -5.22 -14.69
N TYR D 43 13.12 -4.27 -14.61
CA TYR D 43 12.37 -3.75 -15.75
C TYR D 43 12.76 -2.32 -16.00
N LEU D 44 13.08 -2.00 -17.26
CA LEU D 44 13.30 -0.62 -17.69
C LEU D 44 11.96 -0.02 -18.16
N VAL D 45 11.54 1.05 -17.50
CA VAL D 45 10.21 1.63 -17.70
C VAL D 45 10.34 3.05 -18.23
N ASN D 46 9.63 3.34 -19.29
CA ASN D 46 9.68 4.68 -19.94
C ASN D 46 11.09 5.12 -20.24
N ASN D 47 11.99 4.15 -20.38
CA ASN D 47 13.40 4.40 -20.68
C ASN D 47 14.14 5.26 -19.66
N GLU D 48 13.63 5.23 -18.46
CA GLU D 48 13.99 6.22 -17.43
C GLU D 48 14.08 5.58 -16.05
N TYR D 49 13.14 4.71 -15.73
CA TYR D 49 13.08 4.08 -14.42
C TYR D 49 13.39 2.59 -14.45
N ILE D 50 14.11 2.16 -13.45
CA ILE D 50 14.24 0.73 -13.13
C ILE D 50 13.21 0.38 -12.10
N PHE D 51 12.49 -0.68 -12.38
CA PHE D 51 11.59 -1.27 -11.41
C PHE D 51 12.01 -2.71 -11.24
N LYS D 52 12.40 -2.98 -10.04
CA LYS D 52 13.06 -4.20 -9.64
C LYS D 52 11.93 -4.92 -8.88
N THR D 53 11.70 -6.20 -9.13
CA THR D 53 10.79 -6.96 -8.28
C THR D 53 11.44 -8.26 -7.84
N LYS D 54 11.13 -8.72 -6.64
CA LYS D 54 11.85 -9.84 -6.05
C LYS D 54 11.13 -11.15 -6.13
N PHE D 55 11.82 -12.19 -6.64
CA PHE D 55 11.27 -13.53 -6.74
C PHE D 55 11.92 -14.58 -5.83
N SER D 56 13.04 -14.29 -5.24
CA SER D 56 13.69 -15.31 -4.41
C SER D 56 12.97 -15.40 -3.06
N THR D 57 13.11 -16.56 -2.47
CA THR D 57 12.41 -16.88 -1.20
C THR D 57 13.51 -16.83 -0.19
N ASN D 58 13.92 -15.64 0.22
CA ASN D 58 14.89 -15.50 1.28
C ASN D 58 14.73 -14.14 1.88
N LYS D 59 14.28 -14.14 3.14
CA LYS D 59 13.69 -12.94 3.72
C LYS D 59 14.81 -11.91 4.11
N LYS D 60 16.03 -12.40 4.29
CA LYS D 60 17.17 -11.57 4.68
C LYS D 60 17.74 -10.65 3.57
N LYS D 61 17.49 -10.95 2.30
CA LYS D 61 17.98 -10.10 1.21
C LYS D 61 16.81 -9.19 0.77
N GLY D 62 15.98 -8.79 1.74
CA GLY D 62 14.76 -8.06 1.48
C GLY D 62 14.81 -6.58 1.09
N TYR D 63 13.73 -6.19 0.46
CA TYR D 63 13.59 -4.85 -0.08
C TYR D 63 13.43 -3.72 0.97
N ALA D 64 12.85 -4.03 2.12
CA ALA D 64 12.76 -3.04 3.22
C ALA D 64 14.14 -2.59 3.62
N LYS D 65 15.00 -3.56 3.88
CA LYS D 65 16.38 -3.32 4.22
C LYS D 65 17.16 -2.64 3.09
N GLU D 66 17.00 -3.10 1.87
CA GLU D 66 17.65 -2.53 0.72
C GLU D 66 17.30 -1.05 0.61
N LYS D 67 16.02 -0.73 0.79
CA LYS D 67 15.53 0.63 0.67
C LYS D 67 16.07 1.49 1.79
N ALA D 68 16.06 0.95 3.01
CA ALA D 68 16.60 1.68 4.15
C ALA D 68 18.06 2.02 3.85
N ILE D 69 18.74 1.12 3.19
CA ILE D 69 20.16 1.32 2.88
C ILE D 69 20.38 2.39 1.81
N TYR D 70 19.60 2.34 0.73
CA TYR D 70 19.62 3.43 -0.24
C TYR D 70 19.29 4.79 0.42
N ASN D 71 18.29 4.83 1.30
CA ASN D 71 17.96 6.10 1.98
C ASN D 71 19.15 6.62 2.79
N PHE D 72 19.74 5.74 3.58
CA PHE D 72 20.87 6.09 4.41
C PHE D 72 22.05 6.60 3.59
N LEU D 73 22.32 5.94 2.49
CA LEU D 73 23.46 6.29 1.70
C LEU D 73 23.24 7.61 0.95
N ASN D 74 22.06 7.81 0.38
CA ASN D 74 21.77 9.03 -0.37
C ASN D 74 21.77 10.24 0.54
N THR D 75 21.44 10.00 1.78
CA THR D 75 21.54 11.04 2.82
C THR D 75 22.97 11.34 3.27
N ASN D 76 23.77 10.32 3.49
CA ASN D 76 25.05 10.51 4.18
C ASN D 76 26.33 10.41 3.38
N LEU D 77 26.25 9.86 2.18
CA LEU D 77 27.44 9.72 1.34
C LEU D 77 27.69 11.04 0.67
N GLU D 78 28.96 11.38 0.49
CA GLU D 78 29.32 12.51 -0.35
C GLU D 78 30.22 12.04 -1.45
N THR D 79 29.65 11.87 -2.63
CA THR D 79 30.34 11.24 -3.74
C THR D 79 29.62 11.67 -5.02
N ASN D 80 30.36 11.73 -6.13
CA ASN D 80 29.78 11.81 -7.48
C ASN D 80 29.26 10.47 -8.03
N VAL D 81 29.62 9.36 -7.40
CA VAL D 81 29.15 8.05 -7.83
C VAL D 81 27.66 7.93 -7.54
N LYS D 82 26.87 7.57 -8.54
CA LYS D 82 25.44 7.42 -8.34
C LYS D 82 25.07 6.03 -7.80
N ILE D 83 24.05 6.02 -6.99
CA ILE D 83 23.43 4.79 -6.51
C ILE D 83 21.91 4.94 -6.58
N PRO D 84 21.18 3.82 -6.46
CA PRO D 84 19.76 3.93 -6.59
C PRO D 84 19.19 4.85 -5.57
N ASN D 85 18.31 5.74 -6.02
CA ASN D 85 17.56 6.59 -5.12
C ASN D 85 16.09 6.25 -5.28
N ILE D 86 15.52 5.67 -4.22
CA ILE D 86 14.17 5.08 -4.28
C ILE D 86 13.04 6.10 -4.30
N GLU D 87 12.28 6.10 -5.37
CA GLU D 87 11.14 7.00 -5.52
C GLU D 87 9.81 6.26 -5.39
N TYR D 88 9.82 4.95 -5.66
CA TYR D 88 8.63 4.13 -5.54
C TYR D 88 8.94 2.83 -4.81
N SER D 89 8.09 2.46 -3.86
CA SER D 89 8.24 1.16 -3.21
C SER D 89 6.93 0.55 -2.82
N TYR D 90 6.83 -0.76 -3.01
CA TYR D 90 5.74 -1.55 -2.44
C TYR D 90 6.36 -2.79 -1.85
N ILE D 91 6.11 -3.03 -0.58
CA ILE D 91 6.79 -4.11 0.15
C ILE D 91 5.83 -4.95 0.96
N SER D 92 5.84 -6.26 0.70
CA SER D 92 4.98 -7.21 1.40
C SER D 92 5.67 -8.54 1.45
N ASP D 93 5.15 -9.43 2.27
CA ASP D 93 5.68 -10.79 2.40
C ASP D 93 5.79 -11.48 1.06
N GLU D 94 4.77 -11.29 0.22
CA GLU D 94 4.65 -12.03 -1.02
C GLU D 94 5.18 -11.33 -2.25
N LEU D 95 5.30 -10.00 -2.18
CA LEU D 95 5.58 -9.22 -3.36
C LEU D 95 6.19 -7.88 -3.04
N SER D 96 7.35 -7.63 -3.61
CA SER D 96 8.02 -6.35 -3.39
C SER D 96 8.54 -5.71 -4.67
N ILE D 97 8.47 -4.39 -4.69
CA ILE D 97 8.93 -3.59 -5.82
C ILE D 97 9.68 -2.34 -5.33
N LEU D 98 10.82 -2.08 -5.96
CA LEU D 98 11.53 -0.84 -5.77
C LEU D 98 11.66 -0.19 -7.13
N GLY D 99 11.38 1.10 -7.15
CA GLY D 99 11.53 1.90 -8.36
C GLY D 99 12.48 3.06 -8.14
N TYR D 100 13.40 3.23 -9.06
CA TYR D 100 14.36 4.32 -9.02
C TYR D 100 14.81 4.62 -10.42
N LYS D 101 15.38 5.80 -10.61
CA LYS D 101 15.80 6.21 -11.93
C LYS D 101 16.98 5.35 -12.32
N GLU D 102 16.96 4.90 -13.58
CA GLU D 102 18.00 4.07 -14.12
C GLU D 102 19.33 4.79 -13.94
N ILE D 103 20.31 4.06 -13.44
CA ILE D 103 21.68 4.53 -13.48
C ILE D 103 22.24 4.14 -14.81
N LYS D 104 22.71 5.14 -15.54
CA LYS D 104 23.17 4.94 -16.90
C LYS D 104 24.67 4.72 -17.00
N GLY D 105 25.09 3.92 -17.96
CA GLY D 105 26.48 3.65 -18.17
C GLY D 105 26.69 2.25 -18.67
N THR D 106 27.93 1.83 -18.63
CA THR D 106 28.35 0.55 -19.16
C THR D 106 28.94 -0.28 -18.05
N PHE D 107 28.53 -1.52 -17.97
CA PHE D 107 28.96 -2.39 -16.91
C PHE D 107 30.40 -2.82 -17.17
N LEU D 108 31.22 -2.68 -16.14
CA LEU D 108 32.59 -3.15 -16.15
C LEU D 108 32.68 -4.66 -16.39
N THR D 109 33.54 -5.04 -17.32
CA THR D 109 33.82 -6.44 -17.61
C THR D 109 35.32 -6.58 -17.78
N PRO D 110 35.82 -7.82 -17.73
CA PRO D 110 37.24 -8.06 -17.98
C PRO D 110 37.71 -7.61 -19.33
N GLU D 111 36.84 -7.75 -20.33
CA GLU D 111 37.17 -7.36 -21.70
C GLU D 111 37.40 -5.85 -21.75
N ILE D 112 36.47 -5.09 -21.20
CA ILE D 112 36.59 -3.65 -21.21
C ILE D 112 37.83 -3.17 -20.40
N TYR D 113 38.06 -3.78 -19.25
CA TYR D 113 39.20 -3.42 -18.43
C TYR D 113 40.54 -3.60 -19.17
N SER D 114 40.64 -4.71 -19.90
CA SER D 114 41.84 -5.02 -20.62
C SER D 114 42.10 -4.05 -21.79
N THR D 115 41.09 -3.34 -22.24
CA THR D 115 41.29 -2.32 -23.29
C THR D 115 41.58 -0.95 -22.69
N MET D 116 41.48 -0.81 -21.37
CA MET D 116 41.70 0.49 -20.76
C MET D 116 43.21 0.75 -20.72
N SER D 117 43.59 2.01 -20.87
CA SER D 117 44.97 2.38 -20.66
C SER D 117 45.35 2.20 -19.18
N GLU D 118 46.66 2.17 -18.91
CA GLU D 118 47.13 1.96 -17.54
C GLU D 118 46.60 3.05 -16.61
N GLU D 119 46.62 4.27 -17.13
CA GLU D 119 46.11 5.44 -16.43
C GLU D 119 44.62 5.33 -16.15
N GLU D 120 43.85 4.88 -17.13
CA GLU D 120 42.40 4.62 -16.90
C GLU D 120 42.18 3.57 -15.81
N GLN D 121 42.95 2.50 -15.88
CA GLN D 121 42.87 1.44 -14.89
C GLN D 121 43.16 1.93 -13.49
N ASN D 122 44.23 2.69 -13.34
CA ASN D 122 44.61 3.22 -12.02
C ASN D 122 43.53 4.15 -11.49
N LEU D 123 42.98 4.98 -12.36
CA LEU D 123 41.89 5.88 -11.92
C LEU D 123 40.65 5.12 -11.44
N LEU D 124 40.34 4.05 -12.16
CA LEU D 124 39.17 3.24 -11.79
C LEU D 124 39.44 2.58 -10.46
N LYS D 125 40.63 2.04 -10.28
CA LYS D 125 40.99 1.38 -9.02
C LYS D 125 40.88 2.38 -7.87
N ARG D 126 41.38 3.59 -8.10
CA ARG D 126 41.25 4.70 -7.15
C ARG D 126 39.79 5.04 -6.85
N ASP D 127 38.96 5.15 -7.89
CA ASP D 127 37.56 5.48 -7.72
C ASP D 127 36.88 4.40 -6.83
N ILE D 128 37.24 3.15 -7.06
CA ILE D 128 36.66 2.07 -6.30
C ILE D 128 37.16 2.12 -4.85
N ALA D 129 38.46 2.27 -4.67
CA ALA D 129 39.03 2.22 -3.31
C ALA D 129 38.40 3.34 -2.48
N SER D 130 38.25 4.47 -3.15
CA SER D 130 37.80 5.69 -2.53
C SER D 130 36.33 5.56 -2.12
N PHE D 131 35.52 5.06 -3.03
CA PHE D 131 34.12 4.79 -2.69
C PHE D 131 33.98 3.87 -1.48
N LEU D 132 34.65 2.74 -1.52
CA LEU D 132 34.59 1.78 -0.43
C LEU D 132 35.09 2.38 0.88
N ARG D 133 36.17 3.13 0.80
CA ARG D 133 36.74 3.78 2.00
CA ARG D 133 36.72 3.75 2.01
C ARG D 133 35.66 4.71 2.62
N GLN D 134 35.00 5.49 1.78
CA GLN D 134 33.97 6.40 2.26
C GLN D 134 32.77 5.65 2.86
N MET D 135 32.30 4.60 2.19
CA MET D 135 31.14 3.85 2.70
C MET D 135 31.47 3.17 4.01
N HIS D 136 32.62 2.50 4.03
CA HIS D 136 33.03 1.72 5.21
C HIS D 136 33.29 2.62 6.40
N GLY D 137 33.61 3.87 6.12
CA GLY D 137 33.86 4.83 7.19
C GLY D 137 32.63 5.52 7.77
N LEU D 138 31.46 5.30 7.19
CA LEU D 138 30.24 5.96 7.70
C LEU D 138 29.87 5.44 9.08
N ASP D 139 29.45 6.36 9.96
CA ASP D 139 28.84 6.01 11.26
C ASP D 139 27.49 5.37 10.96
N TYR D 140 27.33 4.11 11.32
CA TYR D 140 26.11 3.38 10.85
C TYR D 140 24.99 3.32 11.90
N THR D 141 25.03 4.20 12.88
CA THR D 141 24.06 4.16 14.00
C THR D 141 22.61 4.20 13.52
N ASP D 142 22.34 5.00 12.51
CA ASP D 142 21.00 5.15 11.96
C ASP D 142 20.38 3.92 11.27
N ILE D 143 21.22 2.96 10.89
CA ILE D 143 20.74 1.68 10.32
C ILE D 143 21.32 0.53 11.11
N SER D 144 21.47 0.74 12.43
CA SER D 144 22.16 -0.20 13.29
C SER D 144 21.50 -1.61 13.29
N GLU D 145 20.27 -1.70 12.79
CA GLU D 145 19.49 -2.93 12.81
C GLU D 145 19.86 -3.81 11.65
N CYS D 146 20.54 -3.21 10.68
CA CYS D 146 20.88 -3.94 9.42
C CYS D 146 22.17 -4.70 9.54
N THR D 147 22.32 -5.46 10.61
CA THR D 147 23.51 -6.26 10.79
C THR D 147 23.35 -7.59 10.05
N ILE D 148 24.46 -8.13 9.58
CA ILE D 148 24.48 -9.45 8.97
C ILE D 148 25.58 -10.23 9.64
N ASP D 149 25.20 -11.42 10.07
CA ASP D 149 26.10 -12.31 10.73
C ASP D 149 26.24 -13.53 9.81
N ASN D 150 27.32 -13.56 9.03
CA ASN D 150 27.51 -14.63 8.06
C ASN D 150 27.62 -15.99 8.73
N LYS D 151 28.23 -16.02 9.90
CA LYS D 151 28.42 -17.29 10.56
C LYS D 151 27.09 -17.89 11.04
N GLN D 152 26.29 -17.08 11.66
CA GLN D 152 24.96 -17.44 12.10
C GLN D 152 24.09 -17.87 10.91
N ASN D 153 24.18 -17.16 9.82
CA ASN D 153 23.40 -17.50 8.62
C ASN D 153 23.74 -18.88 8.08
N VAL D 154 25.03 -19.16 8.01
CA VAL D 154 25.45 -20.48 7.58
C VAL D 154 24.97 -21.55 8.55
N LEU D 155 25.03 -21.29 9.83
CA LEU D 155 24.46 -22.22 10.79
C LEU D 155 22.99 -22.51 10.48
N GLU D 156 22.20 -21.46 10.23
CA GLU D 156 20.80 -21.65 9.93
C GLU D 156 20.59 -22.45 8.66
N GLU D 157 21.44 -22.20 7.66
CA GLU D 157 21.33 -22.88 6.38
C GLU D 157 21.69 -24.35 6.56
N TYR D 158 22.67 -24.60 7.41
CA TYR D 158 23.09 -25.95 7.73
C TYR D 158 21.91 -26.70 8.40
N ILE D 159 21.27 -26.06 9.35
CA ILE D 159 20.10 -26.66 10.00
C ILE D 159 19.03 -26.96 8.95
N LEU D 160 18.81 -26.05 8.02
CA LEU D 160 17.87 -26.28 6.91
C LEU D 160 18.22 -27.59 6.12
N LEU D 161 19.49 -27.74 5.79
CA LEU D 161 19.97 -28.97 5.16
C LEU D 161 19.63 -30.18 6.00
N ARG D 162 19.98 -30.14 7.27
CA ARG D 162 19.75 -31.28 8.15
C ARG D 162 18.26 -31.62 8.20
N GLU D 163 17.43 -30.60 8.07
CA GLU D 163 16.01 -30.77 8.11
C GLU D 163 15.37 -31.21 6.79
N THR D 164 16.12 -31.10 5.69
CA THR D 164 15.58 -31.42 4.38
C THR D 164 16.30 -32.59 3.76
N ILE D 165 17.36 -32.30 3.03
CA ILE D 165 17.98 -33.34 2.23
C ILE D 165 19.23 -34.02 2.77
N TYR D 166 19.79 -33.53 3.85
CA TYR D 166 21.06 -34.06 4.35
C TYR D 166 21.12 -35.59 4.33
N ASN D 167 20.08 -36.24 4.83
CA ASN D 167 20.12 -37.71 4.96
C ASN D 167 20.11 -38.45 3.63
N ASP D 168 19.65 -37.79 2.57
CA ASP D 168 19.73 -38.36 1.21
C ASP D 168 21.06 -38.10 0.53
N LEU D 169 21.97 -37.40 1.20
CA LEU D 169 23.24 -37.08 0.58
C LEU D 169 24.22 -38.23 0.70
N THR D 170 25.18 -38.27 -0.20
CA THR D 170 26.24 -39.28 -0.13
C THR D 170 27.26 -38.91 0.95
N ASP D 171 28.07 -39.88 1.34
CA ASP D 171 29.16 -39.63 2.31
C ASP D 171 30.13 -38.54 1.84
N ILE D 172 30.47 -38.58 0.56
CA ILE D 172 31.34 -37.57 -0.03
C ILE D 172 30.73 -36.16 0.10
N GLU D 173 29.44 -36.06 -0.15
CA GLU D 173 28.74 -34.78 -0.07
C GLU D 173 28.69 -34.31 1.41
N LYS D 174 28.30 -35.23 2.28
CA LYS D 174 28.30 -34.97 3.72
C LYS D 174 29.66 -34.56 4.25
N ASP D 175 30.72 -35.26 3.85
CA ASP D 175 32.05 -34.90 4.30
C ASP D 175 32.42 -33.48 3.87
N TYR D 176 32.04 -33.11 2.67
CA TYR D 176 32.41 -31.81 2.16
C TYR D 176 31.80 -30.76 3.05
N ILE D 177 30.54 -30.99 3.37
CA ILE D 177 29.77 -30.06 4.17
C ILE D 177 30.32 -29.95 5.59
N GLU D 178 30.58 -31.09 6.20
CA GLU D 178 31.05 -31.12 7.62
C GLU D 178 32.45 -30.49 7.73
N SER D 179 33.24 -30.73 6.72
CA SER D 179 34.55 -30.16 6.64
C SER D 179 34.50 -28.63 6.54
N PHE D 180 33.57 -28.15 5.72
CA PHE D 180 33.32 -26.73 5.71
C PHE D 180 32.90 -26.23 7.09
N MET D 181 31.93 -26.88 7.71
CA MET D 181 31.42 -26.40 8.98
C MET D 181 32.55 -26.33 10.00
N GLU D 182 33.46 -27.28 9.94
CA GLU D 182 34.60 -27.30 10.87
C GLU D 182 35.51 -26.07 10.66
N ARG D 183 35.75 -25.75 9.38
CA ARG D 183 36.58 -24.61 9.02
C ARG D 183 35.94 -23.30 9.49
N LEU D 184 34.63 -23.21 9.28
CA LEU D 184 33.88 -22.04 9.70
C LEU D 184 33.94 -21.84 11.20
N ASN D 185 33.96 -22.93 11.94
CA ASN D 185 34.09 -22.83 13.40
C ASN D 185 35.49 -22.38 13.84
N ALA D 186 36.50 -22.70 13.04
CA ALA D 186 37.91 -22.41 13.37
C ALA D 186 38.39 -21.06 12.91
N THR D 187 37.80 -20.52 11.87
CA THR D 187 38.40 -19.30 11.28
C THR D 187 38.29 -18.10 12.20
N THR D 188 39.26 -17.20 12.08
CA THR D 188 39.21 -15.93 12.80
C THR D 188 38.82 -14.76 11.93
N VAL D 189 38.39 -15.01 10.70
CA VAL D 189 38.17 -13.88 9.80
C VAL D 189 36.99 -13.00 10.15
N PHE D 190 36.20 -13.42 11.12
CA PHE D 190 35.01 -12.66 11.55
C PHE D 190 35.29 -11.70 12.69
N GLU D 191 36.54 -11.63 13.11
CA GLU D 191 36.92 -10.92 14.31
C GLU D 191 37.52 -9.56 14.00
N GLY D 192 37.24 -9.05 12.82
CA GLY D 192 37.80 -7.79 12.36
C GLY D 192 36.77 -6.68 12.39
N LYS D 193 37.11 -5.59 11.73
CA LYS D 193 36.28 -4.41 11.67
C LYS D 193 34.95 -4.77 11.00
N LYS D 194 33.87 -4.31 11.61
CA LYS D 194 32.53 -4.39 11.05
C LYS D 194 32.14 -3.03 10.51
N CYS D 195 31.47 -3.01 9.37
CA CYS D 195 31.01 -1.75 8.86
C CYS D 195 29.96 -1.99 7.83
N LEU D 196 29.40 -0.92 7.31
CA LEU D 196 28.45 -1.04 6.22
C LEU D 196 29.16 -1.40 4.94
N CYS D 197 28.76 -2.53 4.34
CA CYS D 197 29.33 -3.04 3.10
C CYS D 197 28.26 -3.27 2.05
N HIS D 198 28.66 -3.14 0.81
CA HIS D 198 27.77 -3.42 -0.31
C HIS D 198 27.38 -4.91 -0.31
N ASN D 199 28.40 -5.73 -0.08
CA ASN D 199 28.28 -7.16 0.16
C ASN D 199 27.91 -8.01 -1.05
N ASP D 200 28.05 -7.45 -2.23
CA ASP D 200 27.88 -8.19 -3.49
C ASP D 200 28.62 -7.45 -4.58
N PHE D 201 29.83 -7.08 -4.24
CA PHE D 201 30.53 -6.01 -4.93
C PHE D 201 31.35 -6.56 -6.08
N SER D 202 30.65 -6.92 -7.12
CA SER D 202 31.27 -7.56 -8.25
C SER D 202 31.21 -6.59 -9.40
N CYS D 203 31.97 -6.89 -10.44
CA CYS D 203 32.07 -5.93 -11.52
C CYS D 203 30.78 -5.80 -12.36
N ASN D 204 29.88 -6.77 -12.30
CA ASN D 204 28.56 -6.60 -12.94
C ASN D 204 27.58 -5.66 -12.20
N HIS D 205 27.99 -5.10 -11.06
CA HIS D 205 27.27 -4.01 -10.43
C HIS D 205 27.96 -2.66 -10.54
N LEU D 206 29.09 -2.61 -11.24
CA LEU D 206 29.84 -1.35 -11.43
C LEU D 206 29.69 -0.77 -12.82
N LEU D 207 29.23 0.48 -12.86
CA LEU D 207 28.96 1.19 -14.10
C LEU D 207 30.02 2.24 -14.41
N LEU D 208 30.44 2.25 -15.66
CA LEU D 208 31.43 3.18 -16.20
C LEU D 208 30.75 4.23 -17.08
N ASP D 209 31.25 5.46 -17.01
CA ASP D 209 30.79 6.50 -17.93
C ASP D 209 31.62 6.35 -19.22
N GLY D 210 31.39 7.25 -20.17
CA GLY D 210 32.12 7.26 -21.47
C GLY D 210 33.63 7.52 -21.40
N ASN D 211 34.14 7.92 -20.25
CA ASN D 211 35.59 8.03 -20.01
C ASN D 211 36.15 6.88 -19.18
N ASN D 212 35.37 5.82 -19.00
CA ASN D 212 35.78 4.64 -18.22
C ASN D 212 36.04 4.95 -16.76
N ARG D 213 35.37 5.97 -16.27
CA ARG D 213 35.41 6.27 -14.85
C ARG D 213 34.18 5.67 -14.20
N LEU D 214 34.33 5.29 -12.94
CA LEU D 214 33.25 4.74 -12.16
C LEU D 214 32.14 5.78 -11.96
N THR D 215 30.95 5.50 -12.49
CA THR D 215 29.86 6.47 -12.45
C THR D 215 28.65 6.02 -11.61
N GLY D 216 28.54 4.71 -11.42
CA GLY D 216 27.42 4.17 -10.67
C GLY D 216 27.68 2.80 -10.11
N ILE D 217 26.91 2.51 -9.07
CA ILE D 217 26.93 1.24 -8.40
C ILE D 217 25.49 0.83 -8.04
N ILE D 218 25.12 -0.39 -8.40
CA ILE D 218 23.78 -0.89 -8.16
C ILE D 218 23.74 -2.09 -7.21
N ASP D 219 22.53 -2.54 -6.91
CA ASP D 219 22.26 -3.78 -6.15
C ASP D 219 22.90 -3.82 -4.77
N PHE D 220 22.39 -2.97 -3.87
CA PHE D 220 22.79 -3.00 -2.48
C PHE D 220 21.82 -3.94 -1.73
N GLY D 221 21.23 -4.87 -2.48
CA GLY D 221 20.25 -5.82 -1.94
C GLY D 221 20.78 -6.78 -0.91
N ASP D 222 22.09 -6.95 -0.83
CA ASP D 222 22.65 -7.77 0.21
C ASP D 222 23.47 -6.95 1.23
N SER D 223 23.38 -5.62 1.20
CA SER D 223 24.21 -4.78 2.06
C SER D 223 23.79 -4.84 3.50
N GLY D 224 24.75 -4.49 4.34
CA GLY D 224 24.48 -4.39 5.76
C GLY D 224 25.75 -4.23 6.52
N ILE D 225 25.62 -4.32 7.82
CA ILE D 225 26.74 -4.15 8.70
C ILE D 225 27.34 -5.51 8.86
N ILE D 226 28.57 -5.64 8.40
CA ILE D 226 29.17 -6.93 8.20
C ILE D 226 30.69 -6.77 8.16
N ASP D 227 31.43 -7.85 8.05
CA ASP D 227 32.90 -7.74 8.00
C ASP D 227 33.38 -6.88 6.85
N GLU D 228 34.30 -5.96 7.15
CA GLU D 228 34.98 -5.12 6.16
C GLU D 228 35.53 -5.92 4.95
N TYR D 229 36.05 -7.11 5.22
CA TYR D 229 36.57 -8.00 4.18
C TYR D 229 35.58 -8.30 3.04
N CYS D 230 34.28 -8.25 3.36
CA CYS D 230 33.21 -8.73 2.45
C CYS D 230 33.25 -8.03 1.12
N ASP D 231 33.58 -6.76 1.14
CA ASP D 231 33.56 -5.99 -0.11
C ASP D 231 34.74 -6.21 -1.04
N PHE D 232 35.63 -7.15 -0.68
CA PHE D 232 36.76 -7.47 -1.52
C PHE D 232 36.71 -8.85 -2.10
N ILE D 233 35.66 -9.56 -1.79
CA ILE D 233 35.58 -10.97 -2.12
C ILE D 233 35.62 -11.22 -3.61
N TYR D 234 34.90 -10.41 -4.36
CA TYR D 234 34.82 -10.59 -5.81
C TYR D 234 35.98 -9.90 -6.53
N LEU D 235 36.45 -8.78 -5.98
CA LEU D 235 37.60 -8.07 -6.50
C LEU D 235 38.80 -9.00 -6.47
N LEU D 236 38.83 -9.89 -5.49
CA LEU D 236 39.91 -10.87 -5.34
C LEU D 236 39.69 -12.15 -6.07
N GLU D 237 38.54 -12.29 -6.71
CA GLU D 237 38.20 -13.53 -7.39
C GLU D 237 38.94 -13.69 -8.72
N ASP D 238 39.44 -14.89 -8.90
CA ASP D 238 40.06 -15.30 -10.15
C ASP D 238 39.08 -16.17 -10.94
N SER D 239 38.34 -15.54 -11.82
CA SER D 239 37.28 -16.19 -12.62
C SER D 239 37.05 -15.46 -13.92
N GLU D 240 36.25 -16.07 -14.80
CA GLU D 240 35.89 -15.47 -16.09
C GLU D 240 35.04 -14.19 -15.99
N GLU D 241 34.29 -14.07 -14.89
CA GLU D 241 33.33 -12.98 -14.71
C GLU D 241 33.99 -11.74 -14.06
N GLU D 242 34.98 -12.01 -13.21
CA GLU D 242 35.70 -10.95 -12.53
C GLU D 242 37.05 -10.66 -13.23
N ILE D 243 37.65 -9.53 -12.87
CA ILE D 243 38.87 -9.03 -13.50
C ILE D 243 40.11 -9.78 -13.12
N GLY D 244 40.23 -10.15 -11.85
CA GLY D 244 41.34 -10.99 -11.37
C GLY D 244 41.84 -10.57 -10.01
N THR D 245 42.54 -11.50 -9.36
CA THR D 245 43.13 -11.27 -8.02
C THR D 245 44.01 -10.02 -7.90
N ASN D 246 44.80 -9.75 -8.93
CA ASN D 246 45.71 -8.58 -8.92
C ASN D 246 44.97 -7.26 -8.85
N PHE D 247 43.84 -7.24 -9.51
CA PHE D 247 42.96 -6.09 -9.49
C PHE D 247 42.51 -5.83 -8.05
N GLY D 248 42.07 -6.90 -7.40
CA GLY D 248 41.65 -6.81 -6.00
C GLY D 248 42.78 -6.49 -5.03
N GLU D 249 43.93 -7.07 -5.27
CA GLU D 249 45.12 -6.77 -4.50
C GLU D 249 45.49 -5.28 -4.59
N ASP D 250 45.51 -4.77 -5.80
CA ASP D 250 45.86 -3.37 -6.05
C ASP D 250 44.88 -2.41 -5.35
N ILE D 251 43.61 -2.77 -5.43
CA ILE D 251 42.58 -1.97 -4.81
C ILE D 251 42.72 -2.01 -3.30
N LEU D 252 43.07 -3.17 -2.77
CA LEU D 252 43.28 -3.29 -1.30
C LEU D 252 44.45 -2.43 -0.85
N ARG D 253 45.46 -2.33 -1.71
CA ARG D 253 46.61 -1.51 -1.42
C ARG D 253 46.26 -0.03 -1.44
N MET D 254 45.52 0.38 -2.47
CA MET D 254 44.98 1.74 -2.47
C MET D 254 44.05 2.04 -1.33
N TYR D 255 43.23 1.07 -0.96
CA TYR D 255 42.29 1.25 0.14
C TYR D 255 43.03 1.45 1.44
N GLY D 256 44.03 0.63 1.63
CA GLY D 256 44.91 0.73 2.79
C GLY D 256 44.36 0.13 4.09
N ASN D 257 45.29 -0.16 4.99
CA ASN D 257 44.99 -0.51 6.36
C ASN D 257 44.08 -1.71 6.45
N ILE D 258 44.44 -2.76 5.74
CA ILE D 258 43.64 -3.96 5.79
C ILE D 258 44.51 -5.18 5.55
N ASP D 259 44.28 -6.23 6.31
CA ASP D 259 45.07 -7.44 6.21
C ASP D 259 44.68 -8.21 4.93
N ILE D 260 45.53 -8.15 3.92
CA ILE D 260 45.24 -8.73 2.61
C ILE D 260 45.10 -10.24 2.68
N GLU D 261 45.97 -10.88 3.46
CA GLU D 261 45.90 -12.35 3.60
C GLU D 261 44.56 -12.79 4.20
N LYS D 262 44.06 -12.01 5.14
CA LYS D 262 42.77 -12.32 5.77
C LYS D 262 41.62 -12.03 4.81
N ALA D 263 41.76 -10.98 4.02
CA ALA D 263 40.77 -10.73 2.98
C ALA D 263 40.70 -11.95 2.06
N LYS D 264 41.87 -12.50 1.72
CA LYS D 264 41.93 -13.68 0.88
C LYS D 264 41.37 -14.89 1.54
N GLU D 265 41.62 -15.06 2.82
CA GLU D 265 41.05 -16.21 3.56
C GLU D 265 39.55 -16.12 3.51
N TYR D 266 39.06 -14.91 3.68
CA TYR D 266 37.61 -14.68 3.65
C TYR D 266 37.05 -15.11 2.28
N GLN D 267 37.71 -14.68 1.24
CA GLN D 267 37.29 -15.01 -0.11
C GLN D 267 37.34 -16.51 -0.32
N ASP D 268 38.40 -17.15 0.18
CA ASP D 268 38.56 -18.57 0.00
C ASP D 268 37.43 -19.32 0.72
N ILE D 269 37.03 -18.85 1.89
CA ILE D 269 35.94 -19.46 2.63
C ILE D 269 34.61 -19.34 1.90
N VAL D 270 34.35 -18.15 1.38
CA VAL D 270 33.11 -17.92 0.64
C VAL D 270 33.09 -18.81 -0.59
N GLU D 271 34.24 -18.97 -1.24
CA GLU D 271 34.36 -19.83 -2.40
C GLU D 271 34.11 -21.27 -2.00
N GLU D 272 34.67 -21.73 -0.90
CA GLU D 272 34.44 -23.13 -0.42
C GLU D 272 32.96 -23.40 -0.14
N TYR D 273 32.25 -22.37 0.31
CA TYR D 273 30.82 -22.50 0.62
C TYR D 273 29.90 -22.53 -0.63
N TYR D 274 30.38 -22.03 -1.74
CA TYR D 274 29.54 -21.82 -2.92
C TYR D 274 28.68 -23.01 -3.37
N PRO D 275 29.25 -24.24 -3.43
CA PRO D 275 28.40 -25.37 -3.80
C PRO D 275 27.29 -25.64 -2.79
N ILE D 276 27.57 -25.34 -1.53
CA ILE D 276 26.58 -25.53 -0.46
C ILE D 276 25.52 -24.46 -0.61
N GLU D 277 25.99 -23.22 -0.79
CA GLU D 277 25.07 -22.11 -1.00
C GLU D 277 24.12 -22.44 -2.14
N THR D 278 24.69 -23.02 -3.22
CA THR D 278 23.95 -23.32 -4.43
C THR D 278 22.84 -24.34 -4.10
N ILE D 279 23.19 -25.35 -3.33
CA ILE D 279 22.24 -26.36 -2.89
C ILE D 279 21.16 -25.71 -2.05
N VAL D 280 21.59 -24.83 -1.14
CA VAL D 280 20.61 -24.20 -0.28
C VAL D 280 19.62 -23.35 -1.07
N TYR D 281 20.12 -22.63 -2.04
CA TYR D 281 19.28 -21.81 -2.90
C TYR D 281 18.25 -22.70 -3.62
N GLY D 282 18.75 -23.83 -4.09
CA GLY D 282 17.92 -24.83 -4.75
C GLY D 282 16.76 -25.29 -3.87
N ILE D 283 17.06 -25.55 -2.61
CA ILE D 283 16.05 -26.00 -1.66
C ILE D 283 15.03 -24.89 -1.40
N LYS D 284 15.53 -23.72 -1.05
CA LYS D 284 14.66 -22.63 -0.62
C LYS D 284 13.74 -22.18 -1.74
N ASN D 285 14.23 -22.23 -2.97
CA ASN D 285 13.47 -21.76 -4.12
C ASN D 285 12.87 -22.90 -4.96
N ILE D 286 12.96 -24.12 -4.44
CA ILE D 286 12.43 -25.31 -5.11
C ILE D 286 12.90 -25.38 -6.57
N LYS D 287 14.21 -25.34 -6.74
CA LYS D 287 14.83 -25.48 -8.06
C LYS D 287 15.84 -26.60 -8.05
N GLN D 288 15.39 -27.76 -8.47
CA GLN D 288 16.19 -28.99 -8.49
C GLN D 288 17.50 -28.84 -9.25
N GLU D 289 17.51 -28.04 -10.33
CA GLU D 289 18.72 -27.87 -11.13
C GLU D 289 19.87 -27.37 -10.24
N PHE D 290 19.55 -26.46 -9.33
CA PHE D 290 20.57 -25.90 -8.43
C PHE D 290 21.08 -26.90 -7.40
N ILE D 291 20.18 -27.73 -6.89
CA ILE D 291 20.59 -28.79 -5.97
C ILE D 291 21.54 -29.76 -6.70
N GLU D 292 21.18 -30.07 -7.92
CA GLU D 292 21.95 -31.00 -8.75
C GLU D 292 23.33 -30.39 -9.09
N ASN D 293 23.35 -29.13 -9.51
CA ASN D 293 24.62 -28.47 -9.83
C ASN D 293 25.56 -28.34 -8.63
N GLY D 294 25.01 -28.00 -7.48
CA GLY D 294 25.84 -27.87 -6.27
C GLY D 294 26.48 -29.20 -5.86
N ARG D 295 25.69 -30.25 -5.90
CA ARG D 295 26.17 -31.59 -5.54
C ARG D 295 27.28 -32.04 -6.48
N LYS D 296 27.05 -31.84 -7.77
CA LYS D 296 28.07 -32.19 -8.77
C LYS D 296 29.37 -31.45 -8.55
N GLU D 297 29.22 -30.17 -8.19
CA GLU D 297 30.35 -29.28 -7.93
C GLU D 297 31.16 -29.73 -6.71
N ILE D 298 30.47 -30.29 -5.73
CA ILE D 298 31.17 -30.90 -4.60
C ILE D 298 32.09 -32.05 -5.06
N TYR D 299 31.56 -32.95 -5.90
CA TYR D 299 32.36 -34.05 -6.48
C TYR D 299 33.55 -33.53 -7.23
N LYS D 300 33.36 -32.49 -8.01
CA LYS D 300 34.48 -31.96 -8.79
C LYS D 300 35.59 -31.45 -7.88
N ARG D 301 35.21 -30.74 -6.83
CA ARG D 301 36.18 -30.14 -5.91
C ARG D 301 36.87 -31.18 -5.03
N THR D 302 36.13 -32.20 -4.64
CA THR D 302 36.71 -33.27 -3.82
C THR D 302 37.96 -33.93 -4.46
N TYR D 303 37.97 -34.08 -5.77
CA TYR D 303 39.15 -34.66 -6.46
C TYR D 303 40.22 -33.59 -6.81
N LYS D 304 39.77 -32.36 -7.08
CA LYS D 304 40.66 -31.26 -7.51
C LYS D 304 41.50 -30.75 -6.36
PB GDP E . -17.39 8.75 5.68
O1B GDP E . -16.41 8.35 6.74
O2B GDP E . -18.74 9.24 6.14
O3B GDP E . -17.38 7.69 4.60
O3A GDP E . -16.64 10.13 5.21
PA GDP E . -17.15 11.08 3.99
O1A GDP E . -16.65 10.48 2.72
O2A GDP E . -18.62 11.45 4.20
O5' GDP E . -16.45 12.47 4.34
C5' GDP E . -16.56 12.90 5.68
C4' GDP E . -17.02 14.34 5.67
O4' GDP E . -16.02 15.16 5.06
C3' GDP E . -18.24 14.56 4.84
O3' GDP E . -19.47 14.31 5.57
C2' GDP E . -18.09 16.03 4.53
O2' GDP E . -18.55 16.79 5.63
C1' GDP E . -16.61 16.23 4.35
N9 GDP E . -16.16 16.11 2.92
C8 GDP E . -15.51 15.06 2.36
N7 GDP E . -15.25 15.30 1.04
C5 GDP E . -15.71 16.54 0.78
C6 GDP E . -15.75 17.39 -0.41
O6 GDP E . -15.24 16.92 -1.49
N1 GDP E . -16.38 18.59 -0.30
C2 GDP E . -16.89 19.03 0.88
N2 GDP E . -17.46 20.25 0.96
N3 GDP E . -16.84 18.28 2.01
C4 GDP E . -16.31 17.06 1.99
MG MG F . -19.87 10.31 5.09
MG MG G . -19.06 6.75 4.23
CL CL H . -24.69 -2.52 27.49
PB GDP I . 7.14 19.95 27.54
O1B GDP I . 6.94 20.82 28.74
O2B GDP I . 8.56 19.97 27.03
O3B GDP I . 6.02 20.32 26.52
O3A GDP I . 6.94 18.36 27.87
PA GDP I . 7.36 17.48 29.17
O1A GDP I . 8.54 16.56 28.96
O2A GDP I . 7.20 18.24 30.48
O5' GDP I . 6.22 16.35 29.26
C5' GDP I . 4.86 16.79 29.18
C4' GDP I . 4.11 16.23 30.37
O4' GDP I . 4.02 14.79 30.27
C3' GDP I . 4.80 16.54 31.68
O3' GDP I . 4.53 17.87 32.11
C2' GDP I . 4.21 15.42 32.51
O2' GDP I . 2.87 15.70 32.86
C1' GDP I . 4.15 14.23 31.57
N9 GDP I . 5.35 13.33 31.64
C8 GDP I . 6.38 13.29 30.77
N7 GDP I . 7.31 12.34 31.13
C5 GDP I . 6.83 11.77 32.27
C6 GDP I . 7.25 10.69 33.19
O6 GDP I . 8.33 10.08 32.98
N1 GDP I . 6.47 10.40 34.25
C2 GDP I . 5.32 11.07 34.48
N2 GDP I . 4.56 10.76 35.54
N3 GDP I . 4.88 12.05 33.66
C4 GDP I . 5.56 12.43 32.57
MG MG J . 7.28 20.12 30.65
MG MG K . 9.86 21.15 28.19
CL CL L . -3.51 40.80 18.86
PB GDP M . -8.69 -18.56 -24.73
O1B GDP M . -8.22 -19.60 -25.76
O2B GDP M . -10.02 -17.85 -24.92
O3B GDP M . -7.74 -17.45 -24.52
O3A GDP M . -8.70 -19.36 -23.32
PA GDP M . -9.19 -20.83 -22.95
O1A GDP M . -10.51 -20.72 -22.28
O2A GDP M . -9.11 -21.85 -24.04
O5' GDP M . -7.95 -21.19 -21.98
C5' GDP M . -6.64 -21.20 -22.45
C4' GDP M . -6.10 -22.59 -22.18
O4' GDP M . -6.16 -22.85 -20.78
C3' GDP M . -6.86 -23.74 -22.75
O3' GDP M . -6.56 -24.02 -24.13
C2' GDP M . -6.47 -24.88 -21.81
O2' GDP M . -5.23 -25.41 -22.13
C1' GDP M . -6.33 -24.21 -20.46
N9 GDP M . -7.58 -24.37 -19.67
C8 GDP M . -8.53 -23.43 -19.47
N7 GDP M . -9.60 -23.91 -18.75
C5 GDP M . -9.29 -25.19 -18.50
C6 GDP M . -9.94 -26.28 -17.74
O6 GDP M . -11.02 -26.09 -17.18
N1 GDP M . -9.35 -27.47 -17.72
C2 GDP M . -8.17 -27.67 -18.31
N2 GDP M . -7.64 -28.89 -18.19
N3 GDP M . -7.46 -26.72 -18.97
C4 GDP M . -7.98 -25.49 -19.10
MG MG N . -8.99 -21.25 -26.08
MG MG O . -11.30 -18.23 -26.49
CL CL P . 2.97 -5.61 -44.25
PB GDP Q . 19.78 -9.09 -8.02
O1B GDP Q . 21.15 -9.56 -8.48
O2B GDP Q . 19.85 -8.59 -6.60
O3B GDP Q . 18.85 -10.20 -8.39
O3A GDP Q . 19.19 -7.86 -8.89
PA GDP Q . 20.01 -6.54 -9.28
O1A GDP Q . 19.72 -5.32 -8.39
O2A GDP Q . 21.48 -6.92 -9.50
O5' GDP Q . 19.33 -6.00 -10.60
C5' GDP Q . 19.25 -7.00 -11.63
C4' GDP Q . 19.98 -6.54 -12.88
O4' GDP Q . 19.21 -5.50 -13.53
C3' GDP Q . 21.37 -5.96 -12.62
O3' GDP Q . 22.38 -6.94 -12.59
C2' GDP Q . 21.54 -5.12 -13.83
O2' GDP Q . 21.86 -5.99 -14.93
C1' GDP Q . 20.14 -4.54 -14.02
N9 GDP Q . 19.96 -3.27 -13.28
C8 GDP Q . 19.36 -3.05 -12.10
N7 GDP Q . 19.36 -1.75 -11.79
C5 GDP Q . 19.98 -1.10 -12.81
C6 GDP Q . 20.39 0.30 -13.14
O6 GDP Q . 20.14 1.31 -12.43
N1 GDP Q . 21.03 0.48 -14.27
C2 GDP Q . 21.33 -0.51 -15.11
N2 GDP Q . 21.99 -0.19 -16.24
N3 GDP Q . 21.04 -1.81 -14.90
C4 GDP Q . 20.37 -2.13 -13.77
MG MG R . 22.71 -8.22 -8.56
MG MG S . 21.28 -8.45 -5.32
C1 GOL T . 23.39 -19.61 -5.61
O1 GOL T . 24.03 -20.04 -6.83
C2 GOL T . 23.85 -18.22 -5.22
O2 GOL T . 24.10 -17.42 -6.37
C3 GOL T . 22.78 -17.44 -4.48
O3 GOL T . 22.62 -17.90 -3.14
#